data_1MC5
#
_entry.id   1MC5
#
_cell.length_a   78.656
_cell.length_b   78.656
_cell.length_c   311.428
_cell.angle_alpha   90.00
_cell.angle_beta   90.00
_cell.angle_gamma   90.00
#
_symmetry.space_group_name_H-M   'P 43 21 2'
#
loop_
_entity.id
_entity.type
_entity.pdbx_description
1 polymer 'Alcohol dehydrogenase class III chi chain'
2 non-polymer 'ZINC ION'
3 non-polymer 'POTASSIUM ION'
4 non-polymer 'PHOSPHATE ION'
5 non-polymer NICOTINAMIDE-ADENINE-DINUCLEOTIDE
6 non-polymer '2-AMINO-4-[1-CARBOXYMETHYL-CARBAMOYL)-2-HYDROXYMETHYLSULFANYL-ETHYLCARBAMOYL]-BUTYRIC ACID'
7 water water
#
_entity_poly.entity_id   1
_entity_poly.type   'polypeptide(L)'
_entity_poly.pdbx_seq_one_letter_code
;MANEVIKCKAAVAWEAGKPLSIEEIEVAPPKAHEVRIKIIATAVCHTDAYTLSGADPEGCFPVILGHEGAGIVESVGEGV
TKLKAGDTVIPLYIPQCGECKFCLNPKTNLCQKIRVTQGKGLMPDGTSRFTCKGKTILHYMGTSTFSEYTVVADISVAKI
DPLAPLDKVCLLGCGISTGYGAAVNTAKLEPGSVCAVFGLGGVGLAVIMGCKVAGASRIIGVDINKDKFARAKEFGATEC
INPQDFSKPIQEVLIEMTDGGVDYSFECIGNVKVMRAALEACHKGWGVSVVVGVAASGEEIATRPFQLVTGRTWKGTAFG
GWKSVESVPKLVSEYMSKKIKVDEFVTHNLSFDEINKAFELMHSGKSIRTVVKI
;
_entity_poly.pdbx_strand_id   A,B
#
loop_
_chem_comp.id
_chem_comp.type
_chem_comp.name
_chem_comp.formula
AHE non-polymer '2-AMINO-4-[1-CARBOXYMETHYL-CARBAMOYL)-2-HYDROXYMETHYLSULFANYL-ETHYLCARBAMOYL]-BUTYRIC ACID' 'C11 H19 N3 O7 S'
K non-polymer 'POTASSIUM ION' 'K 1'
NAD non-polymer NICOTINAMIDE-ADENINE-DINUCLEOTIDE 'C21 H27 N7 O14 P2'
PO4 non-polymer 'PHOSPHATE ION' 'O4 P -3'
ZN non-polymer 'ZINC ION' 'Zn 2'
#
# COMPACT_ATOMS: atom_id res chain seq x y z
N ALA A 2 -40.10 11.41 32.09
CA ALA A 2 -38.77 11.41 31.41
C ALA A 2 -37.94 10.20 31.86
N ASN A 3 -36.70 10.14 31.40
CA ASN A 3 -35.82 9.04 31.76
C ASN A 3 -35.05 9.34 33.03
N GLU A 4 -35.09 8.41 33.97
CA GLU A 4 -34.40 8.57 35.23
C GLU A 4 -33.04 7.89 35.20
N VAL A 5 -32.24 8.12 36.24
CA VAL A 5 -30.92 7.53 36.34
C VAL A 5 -31.11 6.04 36.56
N ILE A 6 -30.14 5.24 36.14
CA ILE A 6 -30.23 3.80 36.34
C ILE A 6 -29.16 3.31 37.30
N LYS A 7 -29.60 2.53 38.28
CA LYS A 7 -28.71 1.95 39.27
C LYS A 7 -28.53 0.50 38.79
N CYS A 8 -27.34 0.15 38.32
CA CYS A 8 -27.13 -1.21 37.82
C CYS A 8 -25.73 -1.76 38.06
N LYS A 9 -25.43 -2.90 37.45
CA LYS A 9 -24.13 -3.55 37.59
C LYS A 9 -23.26 -3.35 36.34
N ALA A 10 -21.94 -3.31 36.54
CA ALA A 10 -20.99 -3.12 35.44
C ALA A 10 -19.59 -3.60 35.84
N ALA A 11 -18.79 -3.97 34.85
CA ALA A 11 -17.43 -4.44 35.12
C ALA A 11 -16.49 -3.25 34.95
N VAL A 12 -16.11 -2.66 36.08
CA VAL A 12 -15.24 -1.48 36.07
C VAL A 12 -13.78 -1.81 36.24
N ALA A 13 -12.96 -1.23 35.36
CA ALA A 13 -11.51 -1.41 35.39
C ALA A 13 -10.90 -0.12 35.94
N TRP A 14 -10.74 -0.07 37.27
CA TRP A 14 -10.19 1.11 37.94
C TRP A 14 -8.79 1.51 37.49
N GLU A 15 -7.91 0.53 37.39
CA GLU A 15 -6.54 0.78 36.96
C GLU A 15 -6.06 -0.33 36.04
N ALA A 16 -5.14 -0.02 35.15
CA ALA A 16 -4.63 -1.01 34.20
C ALA A 16 -3.90 -2.14 34.92
N GLY A 17 -3.59 -3.21 34.18
CA GLY A 17 -2.87 -4.33 34.74
C GLY A 17 -3.53 -5.06 35.91
N LYS A 18 -4.85 -4.97 36.02
CA LYS A 18 -5.57 -5.63 37.10
C LYS A 18 -6.91 -6.13 36.58
N PRO A 19 -7.47 -7.19 37.18
CA PRO A 19 -8.76 -7.73 36.75
C PRO A 19 -9.90 -6.76 37.03
N LEU A 20 -10.96 -6.85 36.23
CA LEU A 20 -12.11 -5.96 36.38
C LEU A 20 -12.80 -6.13 37.73
N SER A 21 -13.66 -5.17 38.07
CA SER A 21 -14.38 -5.18 39.34
C SER A 21 -15.87 -5.01 39.14
N ILE A 22 -16.65 -6.02 39.56
CA ILE A 22 -18.09 -5.94 39.43
C ILE A 22 -18.53 -4.86 40.42
N GLU A 23 -19.04 -3.75 39.88
CA GLU A 23 -19.48 -2.64 40.72
C GLU A 23 -20.93 -2.24 40.47
N GLU A 24 -21.55 -1.66 41.50
CA GLU A 24 -22.92 -1.19 41.38
C GLU A 24 -22.73 0.29 41.00
N ILE A 25 -23.01 0.61 39.75
CA ILE A 25 -22.84 1.96 39.25
C ILE A 25 -24.16 2.70 39.03
N GLU A 26 -24.05 3.87 38.43
CA GLU A 26 -25.20 4.69 38.10
C GLU A 26 -25.03 5.05 36.63
N VAL A 27 -26.13 5.05 35.88
CA VAL A 27 -26.08 5.40 34.47
C VAL A 27 -27.06 6.54 34.24
N ALA A 28 -26.55 7.67 33.81
CA ALA A 28 -27.40 8.82 33.55
C ALA A 28 -28.29 8.56 32.34
N PRO A 29 -29.39 9.31 32.21
CA PRO A 29 -30.29 9.13 31.07
C PRO A 29 -29.68 9.71 29.80
N PRO A 30 -30.24 9.38 28.63
CA PRO A 30 -29.74 9.88 27.34
C PRO A 30 -29.95 11.37 27.12
N LYS A 31 -28.87 12.12 26.88
CA LYS A 31 -28.99 13.54 26.60
C LYS A 31 -29.37 13.64 25.12
N ALA A 32 -29.55 14.85 24.61
CA ALA A 32 -29.92 15.00 23.21
C ALA A 32 -29.02 14.13 22.33
N HIS A 33 -29.63 13.44 21.38
CA HIS A 33 -28.90 12.57 20.46
C HIS A 33 -28.00 11.51 21.07
N GLU A 34 -28.53 10.88 22.12
CA GLU A 34 -27.84 9.79 22.81
C GLU A 34 -28.86 8.66 22.96
N VAL A 35 -28.37 7.44 23.10
CA VAL A 35 -29.24 6.30 23.25
C VAL A 35 -28.75 5.40 24.38
N ARG A 36 -29.64 5.06 25.31
CA ARG A 36 -29.27 4.18 26.41
C ARG A 36 -29.69 2.77 26.04
N ILE A 37 -28.73 1.87 26.01
CA ILE A 37 -28.97 0.48 25.64
C ILE A 37 -28.81 -0.52 26.77
N LYS A 38 -29.72 -1.49 26.81
CA LYS A 38 -29.63 -2.54 27.81
C LYS A 38 -28.84 -3.64 27.10
N ILE A 39 -27.65 -3.92 27.61
CA ILE A 39 -26.80 -4.94 27.02
C ILE A 39 -27.25 -6.32 27.48
N ILE A 40 -27.57 -7.18 26.52
CA ILE A 40 -28.01 -8.53 26.83
C ILE A 40 -26.85 -9.51 26.78
N ALA A 41 -25.90 -9.25 25.89
CA ALA A 41 -24.72 -10.10 25.75
C ALA A 41 -23.52 -9.29 25.27
N THR A 42 -22.32 -9.75 25.62
CA THR A 42 -21.10 -9.06 25.22
C THR A 42 -19.95 -10.06 25.24
N ALA A 43 -18.91 -9.80 24.45
CA ALA A 43 -17.75 -10.69 24.42
C ALA A 43 -16.47 -9.88 24.61
N VAL A 44 -15.33 -10.55 24.60
CA VAL A 44 -14.06 -9.87 24.78
C VAL A 44 -13.12 -9.97 23.57
N CYS A 45 -12.84 -8.82 22.96
CA CYS A 45 -11.96 -8.74 21.82
C CYS A 45 -10.56 -8.53 22.39
N HIS A 46 -9.53 -8.88 21.65
CA HIS A 46 -8.18 -8.71 22.17
C HIS A 46 -7.89 -7.24 22.45
N THR A 47 -8.55 -6.36 21.71
CA THR A 47 -8.37 -4.93 21.85
C THR A 47 -8.78 -4.45 23.24
N ASP A 48 -9.68 -5.18 23.89
CA ASP A 48 -10.13 -4.83 25.24
C ASP A 48 -8.99 -5.11 26.22
N ALA A 49 -8.29 -6.21 26.00
CA ALA A 49 -7.17 -6.60 26.86
C ALA A 49 -5.99 -5.68 26.54
N TYR A 50 -5.84 -5.37 25.26
CA TYR A 50 -4.79 -4.48 24.75
C TYR A 50 -4.80 -3.16 25.55
N THR A 51 -6.00 -2.63 25.78
CA THR A 51 -6.19 -1.39 26.53
C THR A 51 -5.98 -1.62 28.02
N LEU A 52 -6.51 -2.71 28.53
CA LEU A 52 -6.39 -3.04 29.94
C LEU A 52 -4.93 -3.18 30.37
N SER A 53 -4.05 -3.50 29.43
CA SER A 53 -2.64 -3.66 29.74
C SER A 53 -1.87 -2.33 29.74
N GLY A 54 -2.42 -1.32 29.05
CA GLY A 54 -1.78 -0.02 29.02
C GLY A 54 -1.07 0.38 27.73
N ALA A 55 -0.90 -0.58 26.82
CA ALA A 55 -0.23 -0.32 25.54
C ALA A 55 -1.03 0.53 24.57
N ASP A 56 -2.15 1.07 25.04
CA ASP A 56 -3.01 1.91 24.21
C ASP A 56 -2.60 3.38 24.34
N PRO A 57 -2.31 4.04 23.20
CA PRO A 57 -1.90 5.45 23.17
C PRO A 57 -2.94 6.35 23.86
N GLU A 58 -4.19 5.93 23.83
CA GLU A 58 -5.26 6.70 24.45
C GLU A 58 -6.05 5.92 25.51
N GLY A 59 -5.31 5.19 26.36
CA GLY A 59 -5.96 4.43 27.40
C GLY A 59 -6.03 5.17 28.72
N CYS A 60 -7.23 5.53 29.14
CA CYS A 60 -7.43 6.27 30.39
C CYS A 60 -8.22 5.44 31.38
N PHE A 61 -8.00 5.67 32.67
CA PHE A 61 -8.70 4.93 33.72
C PHE A 61 -9.25 5.90 34.75
N PRO A 62 -10.32 5.51 35.47
CA PRO A 62 -11.01 4.23 35.34
C PRO A 62 -11.91 4.23 34.11
N VAL A 63 -12.16 3.04 33.56
CA VAL A 63 -13.01 2.93 32.38
C VAL A 63 -13.80 1.63 32.32
N ILE A 64 -14.90 1.65 31.59
CA ILE A 64 -15.73 0.48 31.39
C ILE A 64 -15.50 0.05 29.94
N LEU A 65 -14.72 -1.01 29.77
CA LEU A 65 -14.38 -1.53 28.45
C LEU A 65 -15.53 -2.27 27.77
N GLY A 66 -15.21 -2.95 26.67
CA GLY A 66 -16.21 -3.70 25.93
C GLY A 66 -16.73 -3.01 24.69
N HIS A 67 -16.51 -3.61 23.52
CA HIS A 67 -16.98 -3.01 22.29
C HIS A 67 -17.68 -4.01 21.36
N GLU A 68 -17.85 -5.23 21.87
CA GLU A 68 -18.53 -6.31 21.14
C GLU A 68 -19.79 -6.67 21.93
N GLY A 69 -20.92 -6.06 21.59
CA GLY A 69 -22.14 -6.36 22.31
C GLY A 69 -23.43 -6.24 21.52
N ALA A 70 -24.52 -6.56 22.21
CA ALA A 70 -25.86 -6.49 21.62
C ALA A 70 -26.91 -6.36 22.72
N GLY A 71 -27.99 -5.65 22.44
CA GLY A 71 -29.03 -5.47 23.43
C GLY A 71 -30.27 -4.79 22.90
N ILE A 72 -31.02 -4.16 23.81
CA ILE A 72 -32.26 -3.48 23.47
C ILE A 72 -32.19 -2.01 23.88
N VAL A 73 -32.78 -1.15 23.05
CA VAL A 73 -32.82 0.28 23.35
C VAL A 73 -33.72 0.49 24.56
N GLU A 74 -33.13 0.94 25.66
CA GLU A 74 -33.87 1.19 26.88
C GLU A 74 -34.60 2.53 26.79
N SER A 75 -34.01 3.51 26.10
CA SER A 75 -34.62 4.84 25.93
C SER A 75 -33.73 5.76 25.08
N VAL A 76 -34.30 6.86 24.59
CA VAL A 76 -33.54 7.79 23.77
C VAL A 76 -33.64 9.25 24.22
N GLY A 77 -32.62 10.04 23.89
CA GLY A 77 -32.61 11.44 24.25
C GLY A 77 -33.30 12.33 23.23
N GLU A 78 -33.31 13.63 23.53
CA GLU A 78 -33.94 14.61 22.65
C GLU A 78 -33.47 14.48 21.20
N GLY A 79 -34.40 14.65 20.26
CA GLY A 79 -34.06 14.59 18.86
C GLY A 79 -33.82 13.24 18.23
N VAL A 80 -33.89 12.17 19.01
CA VAL A 80 -33.69 10.85 18.47
C VAL A 80 -35.00 10.38 17.83
N THR A 81 -35.03 10.36 16.51
CA THR A 81 -36.22 9.98 15.76
C THR A 81 -36.19 8.56 15.21
N LYS A 82 -35.07 8.17 14.64
CA LYS A 82 -34.94 6.86 14.02
C LYS A 82 -34.82 5.65 14.97
N LEU A 83 -34.61 5.93 16.25
CA LEU A 83 -34.49 4.85 17.25
C LEU A 83 -35.49 5.04 18.38
N LYS A 84 -36.11 3.93 18.79
CA LYS A 84 -37.10 3.97 19.87
C LYS A 84 -36.85 2.86 20.87
N ALA A 85 -37.48 2.96 22.04
CA ALA A 85 -37.33 1.95 23.06
C ALA A 85 -37.80 0.61 22.48
N GLY A 86 -37.08 -0.46 22.80
CA GLY A 86 -37.47 -1.75 22.29
C GLY A 86 -36.69 -2.23 21.09
N ASP A 87 -36.10 -1.31 20.34
CA ASP A 87 -35.32 -1.70 19.17
C ASP A 87 -34.13 -2.59 19.52
N THR A 88 -33.94 -3.65 18.74
CA THR A 88 -32.81 -4.56 18.93
C THR A 88 -31.63 -3.89 18.20
N VAL A 89 -30.52 -3.69 18.90
CA VAL A 89 -29.38 -3.00 18.30
C VAL A 89 -27.99 -3.49 18.67
N ILE A 90 -27.00 -3.02 17.92
CA ILE A 90 -25.61 -3.34 18.19
C ILE A 90 -24.85 -2.01 18.26
N PRO A 91 -24.11 -1.78 19.36
CA PRO A 91 -23.34 -0.55 19.56
C PRO A 91 -22.15 -0.56 18.61
N LEU A 92 -21.88 0.57 17.97
CA LEU A 92 -20.78 0.67 17.01
C LEU A 92 -19.64 1.56 17.50
N TYR A 93 -18.41 1.03 17.55
CA TYR A 93 -17.29 1.84 17.99
C TYR A 93 -16.82 2.75 16.86
N ILE A 94 -17.34 2.48 15.67
CA ILE A 94 -17.07 3.27 14.48
C ILE A 94 -18.45 3.71 14.01
N PRO A 95 -18.77 4.99 14.23
CA PRO A 95 -20.04 5.63 13.87
C PRO A 95 -20.29 5.81 12.39
N GLN A 96 -21.37 6.51 12.10
CA GLN A 96 -21.74 6.81 10.73
C GLN A 96 -22.76 7.94 10.80
N CYS A 97 -22.25 9.15 11.05
CA CYS A 97 -23.08 10.36 11.14
C CYS A 97 -23.88 10.49 9.86
N GLY A 98 -23.32 9.98 8.78
CA GLY A 98 -24.01 10.02 7.50
C GLY A 98 -23.82 11.28 6.69
N GLU A 99 -23.18 12.31 7.27
CA GLU A 99 -23.00 13.54 6.53
C GLU A 99 -21.63 14.20 6.54
N CYS A 100 -20.71 13.69 7.37
CA CYS A 100 -19.38 14.30 7.39
C CYS A 100 -18.64 13.96 6.09
N LYS A 101 -17.45 14.55 5.94
CA LYS A 101 -16.62 14.35 4.76
C LYS A 101 -16.35 12.86 4.49
N PHE A 102 -16.08 12.13 5.57
CA PHE A 102 -15.80 10.70 5.48
C PHE A 102 -17.03 9.85 5.16
N CYS A 103 -18.12 10.05 5.89
CA CYS A 103 -19.32 9.26 5.65
C CYS A 103 -19.80 9.39 4.22
N LEU A 104 -19.54 10.53 3.60
CA LEU A 104 -19.95 10.77 2.23
C LEU A 104 -18.99 10.20 1.19
N ASN A 105 -17.79 9.79 1.62
CA ASN A 105 -16.81 9.22 0.71
C ASN A 105 -16.93 7.69 0.73
N PRO A 106 -17.13 7.08 -0.45
CA PRO A 106 -17.26 5.62 -0.59
C PRO A 106 -15.99 4.83 -0.31
N LYS A 107 -14.85 5.51 -0.29
CA LYS A 107 -13.57 4.86 -0.07
C LYS A 107 -13.19 4.62 1.39
N THR A 108 -14.04 5.05 2.31
CA THR A 108 -13.76 4.87 3.73
C THR A 108 -15.01 4.73 4.59
N ASN A 109 -14.83 4.36 5.86
CA ASN A 109 -15.92 4.19 6.80
C ASN A 109 -15.62 4.90 8.12
N LEU A 110 -14.50 5.61 8.16
CA LEU A 110 -14.05 6.33 9.36
C LEU A 110 -14.68 7.67 9.66
N CYS A 111 -15.93 7.66 10.11
CA CYS A 111 -16.62 8.89 10.46
C CYS A 111 -15.78 9.57 11.55
N GLN A 112 -15.58 10.88 11.47
CA GLN A 112 -14.79 11.59 12.47
C GLN A 112 -15.60 12.47 13.42
N LYS A 113 -16.89 12.55 13.15
CA LYS A 113 -17.82 13.37 13.93
C LYS A 113 -17.59 13.45 15.45
N ILE A 114 -17.26 12.32 16.08
CA ILE A 114 -17.06 12.28 17.52
C ILE A 114 -15.78 11.57 17.92
N ARG A 115 -14.93 11.29 16.96
CA ARG A 115 -13.68 10.58 17.24
C ARG A 115 -12.88 11.17 18.39
N VAL A 116 -12.78 12.50 18.43
CA VAL A 116 -12.02 13.19 19.47
C VAL A 116 -12.54 12.89 20.86
N THR A 117 -13.80 13.22 21.09
CA THR A 117 -14.44 12.98 22.38
C THR A 117 -14.36 11.51 22.77
N GLN A 118 -14.62 10.64 21.80
CA GLN A 118 -14.61 9.19 22.01
C GLN A 118 -13.24 8.69 22.47
N GLY A 119 -12.18 9.25 21.88
CA GLY A 119 -10.84 8.85 22.25
C GLY A 119 -10.56 9.14 23.71
N LYS A 120 -11.25 10.14 24.25
CA LYS A 120 -11.07 10.52 25.64
C LYS A 120 -12.07 9.81 26.56
N GLY A 121 -12.87 8.94 25.96
CA GLY A 121 -13.86 8.18 26.72
C GLY A 121 -14.97 9.06 27.25
N LEU A 122 -15.52 9.88 26.37
CA LEU A 122 -16.60 10.80 26.72
C LEU A 122 -17.64 10.86 25.61
N MET A 123 -18.85 11.27 25.98
CA MET A 123 -19.92 11.38 25.01
C MET A 123 -19.62 12.62 24.15
N PRO A 124 -20.39 12.85 23.07
CA PRO A 124 -20.16 14.01 22.22
C PRO A 124 -20.13 15.35 22.92
N ASP A 125 -20.91 15.49 23.99
CA ASP A 125 -20.98 16.74 24.74
C ASP A 125 -19.79 16.93 25.69
N GLY A 126 -18.84 16.01 25.64
CA GLY A 126 -17.66 16.12 26.48
C GLY A 126 -17.78 15.55 27.89
N THR A 127 -18.89 14.91 28.19
CA THR A 127 -19.08 14.33 29.52
C THR A 127 -19.36 12.84 29.48
N SER A 128 -19.23 12.19 30.63
CA SER A 128 -19.47 10.76 30.78
C SER A 128 -20.80 10.51 31.50
N ARG A 129 -21.48 9.43 31.16
CA ARG A 129 -22.75 9.08 31.78
C ARG A 129 -22.52 8.08 32.93
N PHE A 130 -21.27 7.69 33.13
CA PHE A 130 -20.94 6.72 34.18
C PHE A 130 -20.37 7.32 35.46
N THR A 131 -20.79 6.75 36.58
CA THR A 131 -20.34 7.16 37.91
C THR A 131 -20.35 5.93 38.81
N CYS A 132 -19.37 5.85 39.71
CA CYS A 132 -19.28 4.72 40.62
C CYS A 132 -18.56 5.13 41.90
N LYS A 133 -19.29 5.12 43.00
CA LYS A 133 -18.72 5.50 44.30
C LYS A 133 -18.24 6.95 44.28
N GLY A 134 -19.07 7.82 43.73
CA GLY A 134 -18.74 9.24 43.65
C GLY A 134 -17.72 9.60 42.58
N LYS A 135 -16.99 8.60 42.08
CA LYS A 135 -15.98 8.85 41.05
C LYS A 135 -16.54 8.69 39.63
N THR A 136 -16.17 9.61 38.76
CA THR A 136 -16.64 9.58 37.38
C THR A 136 -15.90 8.49 36.61
N ILE A 137 -16.65 7.61 35.95
CA ILE A 137 -16.05 6.51 35.19
C ILE A 137 -16.20 6.78 33.69
N LEU A 138 -15.11 6.56 32.97
CA LEU A 138 -15.07 6.81 31.52
C LEU A 138 -15.63 5.74 30.59
N HIS A 139 -16.06 6.21 29.43
CA HIS A 139 -16.58 5.33 28.39
C HIS A 139 -15.38 4.76 27.68
N TYR A 140 -15.62 3.83 26.76
CA TYR A 140 -14.55 3.19 26.01
C TYR A 140 -15.04 2.88 24.61
N MET A 141 -14.24 3.28 23.63
CA MET A 141 -14.57 3.05 22.22
C MET A 141 -16.01 3.41 21.88
N GLY A 142 -16.59 4.30 22.70
CA GLY A 142 -17.96 4.76 22.49
C GLY A 142 -19.05 3.76 22.80
N THR A 143 -18.66 2.56 23.21
CA THR A 143 -19.64 1.52 23.50
C THR A 143 -19.75 1.06 24.95
N SER A 144 -18.61 0.83 25.61
CA SER A 144 -18.62 0.35 26.99
C SER A 144 -19.72 -0.69 27.17
N THR A 145 -19.51 -1.89 26.63
CA THR A 145 -20.51 -2.94 26.71
C THR A 145 -20.44 -3.81 27.96
N PHE A 146 -19.47 -3.54 28.84
CA PHE A 146 -19.38 -4.33 30.06
C PHE A 146 -20.23 -3.75 31.20
N SER A 147 -21.49 -3.48 30.90
CA SER A 147 -22.43 -2.93 31.87
C SER A 147 -23.83 -3.37 31.50
N GLU A 148 -24.70 -3.51 32.49
CA GLU A 148 -26.07 -3.92 32.22
C GLU A 148 -26.71 -2.86 31.33
N TYR A 149 -26.28 -1.62 31.51
CA TYR A 149 -26.79 -0.50 30.74
C TYR A 149 -25.65 0.41 30.30
N THR A 150 -25.74 0.93 29.09
CA THR A 150 -24.71 1.82 28.57
C THR A 150 -25.36 2.91 27.74
N VAL A 151 -24.68 4.05 27.60
CA VAL A 151 -25.19 5.16 26.79
C VAL A 151 -24.20 5.44 25.67
N VAL A 152 -24.70 5.55 24.45
CA VAL A 152 -23.85 5.81 23.30
C VAL A 152 -24.40 6.95 22.46
N ALA A 153 -23.58 7.48 21.55
CA ALA A 153 -24.04 8.55 20.69
C ALA A 153 -25.10 7.93 19.78
N ASP A 154 -26.06 8.72 19.33
CA ASP A 154 -27.10 8.14 18.50
C ASP A 154 -26.58 7.75 17.12
N ILE A 155 -25.33 8.08 16.81
CA ILE A 155 -24.77 7.70 15.51
C ILE A 155 -23.83 6.50 15.66
N SER A 156 -23.91 5.85 16.82
CA SER A 156 -23.10 4.69 17.15
C SER A 156 -24.07 3.53 17.39
N VAL A 157 -25.19 3.53 16.68
CA VAL A 157 -26.18 2.48 16.87
C VAL A 157 -26.68 1.86 15.58
N ALA A 158 -26.60 0.53 15.51
CA ALA A 158 -27.07 -0.20 14.34
C ALA A 158 -28.36 -0.90 14.75
N LYS A 159 -29.44 -0.66 14.00
CA LYS A 159 -30.72 -1.31 14.28
C LYS A 159 -30.77 -2.58 13.43
N ILE A 160 -30.84 -3.72 14.12
CA ILE A 160 -30.83 -5.01 13.47
C ILE A 160 -32.13 -5.81 13.62
N ASP A 161 -32.13 -6.99 13.00
CA ASP A 161 -33.26 -7.92 13.02
C ASP A 161 -33.60 -8.37 14.45
N PRO A 162 -34.84 -8.14 14.90
CA PRO A 162 -35.30 -8.52 16.24
C PRO A 162 -35.09 -10.00 16.53
N LEU A 163 -35.32 -10.81 15.52
CA LEU A 163 -35.18 -12.26 15.62
C LEU A 163 -33.76 -12.76 15.86
N ALA A 164 -32.77 -11.93 15.58
CA ALA A 164 -31.38 -12.33 15.77
C ALA A 164 -31.07 -12.68 17.20
N PRO A 165 -30.36 -13.80 17.42
CA PRO A 165 -29.97 -14.25 18.76
C PRO A 165 -28.84 -13.33 19.24
N LEU A 166 -29.15 -12.47 20.21
CA LEU A 166 -28.18 -11.51 20.70
C LEU A 166 -26.87 -12.10 21.23
N ASP A 167 -26.95 -13.29 21.85
CA ASP A 167 -25.74 -13.92 22.39
C ASP A 167 -24.81 -14.43 21.30
N LYS A 168 -25.19 -14.19 20.05
CA LYS A 168 -24.40 -14.59 18.89
C LYS A 168 -23.92 -13.38 18.10
N VAL A 169 -24.86 -12.61 17.54
CA VAL A 169 -24.54 -11.45 16.73
C VAL A 169 -23.74 -10.35 17.42
N CYS A 170 -23.61 -10.43 18.74
CA CYS A 170 -22.84 -9.43 19.47
C CYS A 170 -21.40 -9.47 18.97
N LEU A 171 -21.00 -10.61 18.43
CA LEU A 171 -19.64 -10.79 17.92
C LEU A 171 -19.41 -9.99 16.64
N LEU A 172 -20.50 -9.62 15.98
CA LEU A 172 -20.43 -8.85 14.76
C LEU A 172 -20.11 -7.39 15.10
N GLY A 173 -19.99 -7.12 16.40
CA GLY A 173 -19.67 -5.79 16.84
C GLY A 173 -18.22 -5.49 16.52
N CYS A 174 -17.42 -6.53 16.29
CA CYS A 174 -16.02 -6.30 15.98
C CYS A 174 -15.31 -7.41 15.21
N GLY A 175 -14.61 -8.28 15.94
CA GLY A 175 -13.86 -9.36 15.34
C GLY A 175 -14.32 -9.98 14.01
N ILE A 176 -15.48 -10.61 14.01
CA ILE A 176 -15.97 -11.25 12.80
C ILE A 176 -16.10 -10.27 11.65
N SER A 177 -16.87 -9.20 11.87
CA SER A 177 -17.09 -8.20 10.84
C SER A 177 -15.77 -7.66 10.31
N THR A 178 -14.82 -7.42 11.20
CA THR A 178 -13.52 -6.90 10.81
C THR A 178 -12.77 -7.83 9.87
N GLY A 179 -12.52 -9.06 10.33
CA GLY A 179 -11.82 -10.02 9.52
C GLY A 179 -12.48 -10.21 8.17
N TYR A 180 -13.79 -10.44 8.21
CA TYR A 180 -14.56 -10.64 7.00
C TYR A 180 -14.38 -9.48 6.02
N GLY A 181 -14.57 -8.25 6.52
CA GLY A 181 -14.42 -7.08 5.67
C GLY A 181 -13.00 -6.83 5.21
N ALA A 182 -12.02 -7.27 6.01
CA ALA A 182 -10.62 -7.09 5.65
C ALA A 182 -10.38 -7.75 4.30
N ALA A 183 -11.11 -8.85 4.07
CA ALA A 183 -10.97 -9.59 2.82
C ALA A 183 -11.86 -9.07 1.70
N VAL A 184 -13.13 -8.85 2.03
CA VAL A 184 -14.10 -8.40 1.06
C VAL A 184 -14.07 -6.92 0.69
N ASN A 185 -13.79 -6.06 1.68
CA ASN A 185 -13.77 -4.63 1.41
C ASN A 185 -12.39 -4.02 1.20
N THR A 186 -11.47 -4.31 2.11
CA THR A 186 -10.13 -3.76 1.98
C THR A 186 -9.34 -4.44 0.87
N ALA A 187 -9.16 -5.75 0.96
CA ALA A 187 -8.43 -6.48 -0.07
C ALA A 187 -9.24 -6.65 -1.36
N LYS A 188 -10.54 -6.92 -1.21
CA LYS A 188 -11.41 -7.15 -2.37
C LYS A 188 -10.76 -8.22 -3.23
N LEU A 189 -10.27 -9.29 -2.60
CA LEU A 189 -9.60 -10.36 -3.31
C LEU A 189 -10.49 -11.01 -4.36
N GLU A 190 -9.90 -11.30 -5.52
CA GLU A 190 -10.61 -11.92 -6.64
C GLU A 190 -10.69 -13.44 -6.46
N PRO A 191 -11.62 -14.09 -7.16
CA PRO A 191 -11.74 -15.55 -7.03
C PRO A 191 -10.45 -16.26 -7.48
N GLY A 192 -10.07 -17.32 -6.77
CA GLY A 192 -8.88 -18.07 -7.12
C GLY A 192 -7.56 -17.53 -6.57
N SER A 193 -7.60 -16.42 -5.84
CA SER A 193 -6.36 -15.85 -5.31
C SER A 193 -5.72 -16.61 -4.13
N VAL A 194 -4.39 -16.55 -4.06
CA VAL A 194 -3.63 -17.22 -3.02
C VAL A 194 -3.49 -16.33 -1.78
N CYS A 195 -4.00 -16.81 -0.64
CA CYS A 195 -3.99 -16.05 0.60
C CYS A 195 -3.21 -16.64 1.76
N ALA A 196 -2.73 -15.75 2.63
CA ALA A 196 -1.99 -16.08 3.83
C ALA A 196 -2.62 -15.27 4.95
N VAL A 197 -2.85 -15.90 6.10
CA VAL A 197 -3.46 -15.21 7.23
C VAL A 197 -2.60 -15.47 8.47
N PHE A 198 -1.96 -14.41 8.97
CA PHE A 198 -1.12 -14.50 10.16
C PHE A 198 -1.97 -14.21 11.41
N GLY A 199 -2.00 -15.16 12.33
CA GLY A 199 -2.79 -14.99 13.54
C GLY A 199 -4.13 -15.63 13.27
N LEU A 200 -4.36 -16.79 13.88
CA LEU A 200 -5.60 -17.50 13.65
C LEU A 200 -6.60 -17.41 14.79
N GLY A 201 -6.82 -16.20 15.29
CA GLY A 201 -7.77 -15.97 16.36
C GLY A 201 -9.12 -15.65 15.75
N GLY A 202 -9.98 -14.97 16.52
CA GLY A 202 -11.30 -14.61 16.02
C GLY A 202 -11.23 -13.83 14.71
N VAL A 203 -10.39 -12.81 14.68
CA VAL A 203 -10.23 -11.98 13.48
C VAL A 203 -9.70 -12.80 12.30
N GLY A 204 -8.65 -13.58 12.55
CA GLY A 204 -8.05 -14.40 11.52
C GLY A 204 -9.01 -15.38 10.88
N LEU A 205 -9.87 -16.00 11.69
CA LEU A 205 -10.80 -16.98 11.17
C LEU A 205 -11.85 -16.25 10.34
N ALA A 206 -12.18 -15.03 10.75
CA ALA A 206 -13.16 -14.24 10.01
C ALA A 206 -12.53 -13.85 8.67
N VAL A 207 -11.21 -13.70 8.65
CA VAL A 207 -10.50 -13.36 7.42
C VAL A 207 -10.56 -14.58 6.49
N ILE A 208 -10.33 -15.76 7.06
CA ILE A 208 -10.37 -17.00 6.30
C ILE A 208 -11.78 -17.15 5.74
N MET A 209 -12.78 -17.01 6.61
CA MET A 209 -14.17 -17.12 6.19
C MET A 209 -14.39 -16.18 5.01
N GLY A 210 -13.84 -14.98 5.11
CA GLY A 210 -13.97 -14.00 4.06
C GLY A 210 -13.31 -14.41 2.75
N CYS A 211 -12.10 -14.97 2.84
CA CYS A 211 -11.39 -15.42 1.65
C CYS A 211 -12.20 -16.53 0.96
N LYS A 212 -12.77 -17.39 1.79
CA LYS A 212 -13.56 -18.49 1.28
C LYS A 212 -14.74 -18.01 0.46
N VAL A 213 -15.52 -17.05 0.99
CA VAL A 213 -16.68 -16.55 0.25
C VAL A 213 -16.25 -15.84 -1.04
N ALA A 214 -15.05 -15.25 -1.01
CA ALA A 214 -14.54 -14.56 -2.19
C ALA A 214 -14.07 -15.57 -3.23
N GLY A 215 -14.02 -16.84 -2.83
CA GLY A 215 -13.59 -17.89 -3.74
C GLY A 215 -12.08 -17.97 -3.87
N ALA A 216 -11.36 -17.83 -2.77
CA ALA A 216 -9.91 -17.92 -2.79
C ALA A 216 -9.51 -19.38 -3.05
N SER A 217 -8.36 -19.58 -3.70
CA SER A 217 -7.91 -20.96 -3.95
C SER A 217 -7.15 -21.43 -2.72
N ARG A 218 -5.87 -21.11 -2.59
CA ARG A 218 -5.11 -21.54 -1.41
C ARG A 218 -5.23 -20.52 -0.26
N ILE A 219 -5.54 -21.01 0.94
CA ILE A 219 -5.64 -20.14 2.11
C ILE A 219 -4.72 -20.70 3.20
N ILE A 220 -3.52 -20.12 3.32
CA ILE A 220 -2.53 -20.58 4.28
C ILE A 220 -2.59 -19.93 5.67
N GLY A 221 -3.02 -20.69 6.67
CA GLY A 221 -3.09 -20.19 8.02
C GLY A 221 -1.71 -20.22 8.66
N VAL A 222 -1.37 -19.20 9.44
CA VAL A 222 -0.08 -19.15 10.09
C VAL A 222 -0.23 -18.74 11.55
N ASP A 223 0.21 -19.60 12.47
CA ASP A 223 0.11 -19.30 13.90
C ASP A 223 1.10 -20.11 14.73
N ILE A 224 1.66 -19.48 15.76
CA ILE A 224 2.60 -20.14 16.65
C ILE A 224 1.92 -21.17 17.55
N ASN A 225 0.61 -21.02 17.75
CA ASN A 225 -0.16 -21.96 18.56
C ASN A 225 -0.85 -22.97 17.65
N LYS A 226 -0.25 -24.14 17.48
CA LYS A 226 -0.81 -25.15 16.59
C LYS A 226 -2.20 -25.65 16.97
N ASP A 227 -2.67 -25.31 18.16
CA ASP A 227 -4.01 -25.73 18.56
C ASP A 227 -5.05 -24.93 17.79
N LYS A 228 -4.60 -23.88 17.11
CA LYS A 228 -5.48 -23.01 16.33
C LYS A 228 -5.75 -23.57 14.94
N PHE A 229 -4.92 -24.51 14.52
CA PHE A 229 -5.03 -25.10 13.19
C PHE A 229 -6.33 -25.84 12.90
N ALA A 230 -6.73 -26.71 13.81
CA ALA A 230 -7.95 -27.49 13.64
C ALA A 230 -9.13 -26.66 13.16
N ARG A 231 -9.48 -25.63 13.93
CA ARG A 231 -10.62 -24.80 13.57
C ARG A 231 -10.34 -23.97 12.32
N ALA A 232 -9.08 -23.61 12.12
CA ALA A 232 -8.68 -22.80 10.96
C ALA A 232 -9.05 -23.57 9.70
N LYS A 233 -8.74 -24.85 9.69
CA LYS A 233 -9.04 -25.69 8.55
C LYS A 233 -10.55 -25.84 8.37
N GLU A 234 -11.29 -25.88 9.47
CA GLU A 234 -12.73 -26.02 9.40
C GLU A 234 -13.35 -24.78 8.77
N PHE A 235 -12.67 -23.63 8.91
CA PHE A 235 -13.18 -22.39 8.35
C PHE A 235 -12.80 -22.23 6.88
N GLY A 236 -11.83 -23.02 6.42
CA GLY A 236 -11.43 -22.94 5.03
C GLY A 236 -9.94 -22.95 4.73
N ALA A 237 -9.11 -22.81 5.76
CA ALA A 237 -7.67 -22.82 5.52
C ALA A 237 -7.29 -24.14 4.84
N THR A 238 -6.58 -24.05 3.72
CA THR A 238 -6.17 -25.23 2.99
C THR A 238 -5.04 -25.93 3.74
N GLU A 239 -4.30 -25.16 4.54
CA GLU A 239 -3.21 -25.71 5.33
C GLU A 239 -2.66 -24.66 6.27
N CYS A 240 -2.04 -25.11 7.35
CA CYS A 240 -1.46 -24.24 8.35
C CYS A 240 0.00 -24.57 8.57
N ILE A 241 0.78 -23.56 8.93
CA ILE A 241 2.20 -23.73 9.19
C ILE A 241 2.57 -22.95 10.43
N ASN A 242 3.42 -23.54 11.26
CA ASN A 242 3.88 -22.89 12.49
C ASN A 242 5.26 -22.30 12.21
N PRO A 243 5.39 -20.97 12.33
CA PRO A 243 6.65 -20.27 12.09
C PRO A 243 7.84 -20.91 12.81
N GLN A 244 7.58 -21.46 13.98
CA GLN A 244 8.62 -22.10 14.78
C GLN A 244 9.17 -23.41 14.20
N ASP A 245 8.39 -24.06 13.34
CA ASP A 245 8.85 -25.31 12.76
C ASP A 245 9.81 -25.07 11.59
N PHE A 246 10.19 -23.83 11.36
CA PHE A 246 11.11 -23.50 10.27
C PHE A 246 12.27 -22.62 10.72
N SER A 247 13.43 -22.84 10.13
CA SER A 247 14.62 -22.07 10.46
C SER A 247 14.65 -20.76 9.66
N LYS A 248 14.04 -20.78 8.48
CA LYS A 248 13.99 -19.59 7.62
C LYS A 248 12.86 -18.66 8.08
N PRO A 249 13.00 -17.35 7.81
CA PRO A 249 11.96 -16.39 8.21
C PRO A 249 10.67 -16.76 7.47
N ILE A 250 9.55 -16.72 8.18
CA ILE A 250 8.26 -17.10 7.59
C ILE A 250 7.98 -16.57 6.18
N GLN A 251 8.56 -15.43 5.81
CA GLN A 251 8.35 -14.86 4.48
C GLN A 251 8.93 -15.78 3.41
N GLU A 252 10.15 -16.25 3.65
CA GLU A 252 10.82 -17.13 2.70
C GLU A 252 10.08 -18.46 2.55
N VAL A 253 9.51 -18.91 3.65
CA VAL A 253 8.75 -20.16 3.67
C VAL A 253 7.57 -20.00 2.72
N LEU A 254 6.78 -18.95 2.96
CA LEU A 254 5.61 -18.66 2.12
C LEU A 254 5.99 -18.43 0.67
N ILE A 255 7.06 -17.68 0.44
CA ILE A 255 7.53 -17.42 -0.92
C ILE A 255 7.86 -18.74 -1.61
N GLU A 256 8.46 -19.65 -0.85
CA GLU A 256 8.85 -20.96 -1.36
C GLU A 256 7.62 -21.82 -1.67
N MET A 257 6.69 -21.88 -0.72
CA MET A 257 5.46 -22.65 -0.87
C MET A 257 4.60 -22.20 -2.03
N THR A 258 4.61 -20.90 -2.29
CA THR A 258 3.76 -20.33 -3.34
C THR A 258 4.43 -19.90 -4.63
N ASP A 259 5.67 -20.34 -4.84
CA ASP A 259 6.37 -19.99 -6.07
C ASP A 259 6.44 -18.46 -6.27
N GLY A 260 6.78 -17.73 -5.21
CA GLY A 260 6.90 -16.28 -5.32
C GLY A 260 6.21 -15.43 -4.27
N GLY A 261 5.24 -16.00 -3.55
CA GLY A 261 4.53 -15.24 -2.53
C GLY A 261 3.02 -15.27 -2.71
N VAL A 262 2.30 -14.89 -1.67
CA VAL A 262 0.83 -14.88 -1.72
C VAL A 262 0.30 -13.63 -2.43
N ASP A 263 -0.91 -13.73 -2.99
CA ASP A 263 -1.52 -12.60 -3.67
C ASP A 263 -2.02 -11.63 -2.59
N TYR A 264 -2.41 -12.17 -1.45
CA TYR A 264 -2.93 -11.39 -0.32
C TYR A 264 -2.56 -11.96 1.03
N SER A 265 -2.12 -11.11 1.94
CA SER A 265 -1.78 -11.54 3.27
C SER A 265 -2.51 -10.61 4.24
N PHE A 266 -2.79 -11.12 5.44
CA PHE A 266 -3.50 -10.35 6.45
C PHE A 266 -2.85 -10.56 7.82
N GLU A 267 -2.39 -9.47 8.44
CA GLU A 267 -1.78 -9.56 9.76
C GLU A 267 -2.91 -9.32 10.74
N CYS A 268 -3.21 -10.34 11.56
CA CYS A 268 -4.29 -10.28 12.54
C CYS A 268 -3.72 -10.60 13.92
N ILE A 269 -2.62 -9.96 14.27
CA ILE A 269 -1.98 -10.20 15.55
C ILE A 269 -1.65 -8.91 16.28
N GLY A 270 -0.96 -8.01 15.58
CA GLY A 270 -0.58 -6.75 16.17
C GLY A 270 0.93 -6.69 16.35
N ASN A 271 1.63 -7.60 15.70
CA ASN A 271 3.09 -7.66 15.78
C ASN A 271 3.72 -6.94 14.58
N VAL A 272 4.43 -5.87 14.88
CA VAL A 272 5.08 -5.05 13.87
C VAL A 272 6.09 -5.85 13.03
N LYS A 273 6.78 -6.79 13.65
CA LYS A 273 7.76 -7.59 12.93
C LYS A 273 7.05 -8.60 12.03
N VAL A 274 5.88 -9.05 12.48
CA VAL A 274 5.09 -9.99 11.71
C VAL A 274 4.45 -9.26 10.55
N MET A 275 4.07 -8.01 10.78
CA MET A 275 3.48 -7.18 9.73
C MET A 275 4.48 -7.05 8.58
N ARG A 276 5.76 -6.90 8.91
CA ARG A 276 6.77 -6.81 7.87
C ARG A 276 6.88 -8.13 7.11
N ALA A 277 6.80 -9.24 7.83
CA ALA A 277 6.88 -10.54 7.18
C ALA A 277 5.69 -10.72 6.26
N ALA A 278 4.50 -10.35 6.76
CA ALA A 278 3.28 -10.48 5.98
C ALA A 278 3.39 -9.73 4.66
N LEU A 279 4.00 -8.55 4.69
CA LEU A 279 4.16 -7.76 3.48
C LEU A 279 5.17 -8.38 2.54
N GLU A 280 6.24 -8.93 3.10
CA GLU A 280 7.29 -9.52 2.28
C GLU A 280 6.95 -10.94 1.81
N ALA A 281 5.85 -11.48 2.32
CA ALA A 281 5.41 -12.82 1.94
C ALA A 281 4.51 -12.69 0.71
N CYS A 282 4.20 -11.45 0.36
CA CYS A 282 3.37 -11.20 -0.81
C CYS A 282 4.17 -11.36 -2.11
N HIS A 283 3.46 -11.74 -3.16
CA HIS A 283 4.08 -11.94 -4.47
C HIS A 283 4.50 -10.63 -5.12
N LYS A 284 5.64 -10.66 -5.83
CA LYS A 284 6.13 -9.48 -6.53
C LYS A 284 5.14 -9.00 -7.60
N GLY A 285 5.15 -7.71 -7.90
CA GLY A 285 4.28 -7.18 -8.94
C GLY A 285 2.79 -6.98 -8.66
N TRP A 286 2.22 -7.69 -7.70
CA TRP A 286 0.79 -7.49 -7.41
C TRP A 286 0.37 -7.90 -6.00
N GLY A 287 1.33 -8.36 -5.19
CA GLY A 287 1.01 -8.75 -3.84
C GLY A 287 0.45 -7.61 -3.00
N VAL A 288 -0.56 -7.92 -2.18
CA VAL A 288 -1.17 -6.93 -1.30
C VAL A 288 -1.26 -7.47 0.13
N SER A 289 -0.87 -6.64 1.10
CA SER A 289 -0.91 -7.04 2.49
C SER A 289 -1.76 -6.07 3.30
N VAL A 290 -2.75 -6.61 4.02
CA VAL A 290 -3.64 -5.80 4.83
C VAL A 290 -3.37 -5.97 6.32
N VAL A 291 -2.97 -4.88 6.96
CA VAL A 291 -2.71 -4.88 8.40
C VAL A 291 -4.05 -4.72 9.14
N VAL A 292 -4.38 -5.69 9.99
CA VAL A 292 -5.62 -5.64 10.76
C VAL A 292 -5.29 -5.51 12.26
N GLY A 293 -4.21 -6.16 12.69
CA GLY A 293 -3.82 -6.10 14.09
C GLY A 293 -3.46 -4.70 14.59
N VAL A 294 -3.74 -4.44 15.85
CA VAL A 294 -3.46 -3.14 16.46
C VAL A 294 -2.12 -3.19 17.21
N ALA A 295 -1.14 -2.40 16.76
CA ALA A 295 0.18 -2.39 17.38
C ALA A 295 0.29 -1.53 18.65
N ALA A 296 1.29 -1.86 19.49
CA ALA A 296 1.55 -1.15 20.73
C ALA A 296 2.11 0.23 20.45
N SER A 297 1.64 1.22 21.21
CA SER A 297 2.06 2.60 21.06
C SER A 297 3.53 2.79 20.73
N GLY A 298 3.79 3.68 19.78
CA GLY A 298 5.15 3.99 19.37
C GLY A 298 5.81 3.05 18.39
N GLU A 299 5.41 1.79 18.38
CA GLU A 299 6.02 0.84 17.47
C GLU A 299 5.68 1.10 16.03
N GLU A 300 6.64 0.86 15.15
CA GLU A 300 6.42 1.08 13.73
C GLU A 300 6.84 -0.10 12.88
N ILE A 301 6.20 -0.20 11.72
CA ILE A 301 6.47 -1.25 10.75
C ILE A 301 7.53 -0.71 9.80
N ALA A 302 8.29 -1.60 9.18
CA ALA A 302 9.33 -1.17 8.26
C ALA A 302 9.66 -2.23 7.19
N THR A 303 10.31 -1.78 6.12
CA THR A 303 10.73 -2.65 5.04
C THR A 303 11.51 -1.81 4.06
N ARG A 304 12.20 -2.48 3.14
CA ARG A 304 12.96 -1.75 2.14
C ARG A 304 11.95 -1.33 1.07
N PRO A 305 11.94 -0.04 0.68
CA PRO A 305 11.02 0.47 -0.34
C PRO A 305 11.01 -0.35 -1.63
N PHE A 306 12.06 -1.13 -1.84
CA PHE A 306 12.19 -2.01 -3.00
C PHE A 306 10.93 -2.89 -3.10
N GLN A 307 10.46 -3.34 -1.94
CA GLN A 307 9.28 -4.18 -1.86
C GLN A 307 8.07 -3.54 -2.54
N LEU A 308 7.93 -2.23 -2.37
CA LEU A 308 6.82 -1.49 -2.97
C LEU A 308 7.07 -1.17 -4.44
N VAL A 309 8.28 -0.71 -4.72
CA VAL A 309 8.65 -0.37 -6.08
C VAL A 309 8.45 -1.58 -6.98
N THR A 310 8.72 -2.79 -6.46
CA THR A 310 8.56 -3.99 -7.28
C THR A 310 7.16 -4.60 -7.32
N GLY A 311 6.15 -3.83 -6.91
CA GLY A 311 4.79 -4.33 -7.01
C GLY A 311 3.90 -4.61 -5.81
N ARG A 312 4.46 -4.71 -4.62
CA ARG A 312 3.64 -4.98 -3.44
C ARG A 312 2.96 -3.75 -2.85
N THR A 313 1.76 -3.93 -2.29
CA THR A 313 0.99 -2.83 -1.69
C THR A 313 0.64 -3.05 -0.22
N TRP A 314 0.92 -2.04 0.60
CA TRP A 314 0.61 -2.09 2.03
C TRP A 314 -0.67 -1.33 2.36
N LYS A 315 -1.64 -2.02 2.92
CA LYS A 315 -2.91 -1.40 3.31
C LYS A 315 -3.22 -1.73 4.77
N GLY A 316 -4.32 -1.20 5.26
CA GLY A 316 -4.73 -1.45 6.63
C GLY A 316 -6.23 -1.32 6.68
N THR A 317 -6.84 -1.70 7.80
CA THR A 317 -8.30 -1.59 7.90
C THR A 317 -8.78 -1.40 9.34
N ALA A 318 -10.01 -0.92 9.47
CA ALA A 318 -10.64 -0.70 10.76
C ALA A 318 -12.08 -1.17 10.63
N PHE A 319 -12.46 -2.11 11.49
CA PHE A 319 -13.79 -2.67 11.47
C PHE A 319 -14.13 -3.21 10.08
N GLY A 320 -13.11 -3.70 9.40
CA GLY A 320 -13.28 -4.27 8.07
C GLY A 320 -13.76 -3.33 6.98
N GLY A 321 -13.63 -2.03 7.21
CA GLY A 321 -14.06 -1.05 6.22
C GLY A 321 -15.56 -0.99 6.00
N TRP A 322 -16.33 -1.40 7.00
CA TRP A 322 -17.79 -1.39 6.89
C TRP A 322 -18.39 -0.04 7.30
N LYS A 323 -19.33 0.46 6.51
CA LYS A 323 -20.03 1.69 6.87
C LYS A 323 -20.95 1.11 7.97
N SER A 324 -20.49 1.20 9.22
CA SER A 324 -21.17 0.64 10.37
C SER A 324 -22.71 0.61 10.44
N VAL A 325 -23.35 1.76 10.33
CA VAL A 325 -24.80 1.82 10.42
C VAL A 325 -25.53 1.15 9.26
N GLU A 326 -24.92 1.16 8.08
CA GLU A 326 -25.53 0.52 6.89
C GLU A 326 -25.25 -0.97 6.85
N SER A 327 -24.00 -1.31 7.11
CA SER A 327 -23.54 -2.69 7.02
C SER A 327 -23.92 -3.69 8.11
N VAL A 328 -23.68 -3.34 9.37
CA VAL A 328 -23.99 -4.27 10.46
C VAL A 328 -25.39 -4.90 10.33
N PRO A 329 -26.40 -4.09 9.97
CA PRO A 329 -27.73 -4.70 9.83
C PRO A 329 -27.75 -5.76 8.73
N LYS A 330 -27.02 -5.49 7.65
CA LYS A 330 -26.95 -6.42 6.52
C LYS A 330 -26.12 -7.64 6.89
N LEU A 331 -25.12 -7.42 7.73
CA LEU A 331 -24.27 -8.50 8.17
C LEU A 331 -25.03 -9.53 9.00
N VAL A 332 -25.93 -9.06 9.88
CA VAL A 332 -26.69 -10.02 10.69
C VAL A 332 -27.67 -10.74 9.77
N SER A 333 -28.05 -10.07 8.68
CA SER A 333 -28.95 -10.67 7.70
C SER A 333 -28.22 -11.81 7.02
N GLU A 334 -26.96 -11.57 6.68
CA GLU A 334 -26.16 -12.59 6.02
C GLU A 334 -25.90 -13.74 6.98
N TYR A 335 -26.00 -13.46 8.28
CA TYR A 335 -25.82 -14.50 9.28
C TYR A 335 -27.10 -15.32 9.32
N MET A 336 -28.22 -14.61 9.25
CA MET A 336 -29.54 -15.23 9.28
C MET A 336 -29.77 -16.08 8.03
N SER A 337 -29.30 -15.58 6.89
CA SER A 337 -29.45 -16.28 5.61
C SER A 337 -28.46 -17.41 5.50
N LYS A 338 -27.64 -17.59 6.54
CA LYS A 338 -26.63 -18.63 6.55
C LYS A 338 -25.47 -18.34 5.60
N LYS A 339 -25.33 -17.09 5.17
CA LYS A 339 -24.24 -16.71 4.26
C LYS A 339 -22.88 -16.63 4.96
N ILE A 340 -22.87 -16.24 6.24
CA ILE A 340 -21.62 -16.16 6.99
C ILE A 340 -21.85 -16.80 8.35
N LYS A 341 -20.75 -17.21 9.00
CA LYS A 341 -20.84 -17.84 10.31
C LYS A 341 -20.59 -16.88 11.47
N VAL A 342 -21.19 -17.21 12.61
CA VAL A 342 -21.01 -16.43 13.84
C VAL A 342 -20.91 -17.43 14.99
N ASP A 343 -21.90 -18.32 15.07
CA ASP A 343 -21.96 -19.34 16.12
C ASP A 343 -20.66 -20.12 16.29
N GLU A 344 -20.02 -20.44 15.17
CA GLU A 344 -18.78 -21.21 15.21
C GLU A 344 -17.59 -20.45 15.80
N PHE A 345 -17.81 -19.19 16.19
CA PHE A 345 -16.78 -18.35 16.78
C PHE A 345 -16.82 -18.43 18.32
N VAL A 346 -17.99 -18.79 18.83
CA VAL A 346 -18.20 -18.90 20.28
C VAL A 346 -17.60 -20.21 20.79
N THR A 347 -16.54 -20.11 21.59
CA THR A 347 -15.88 -21.29 22.13
C THR A 347 -16.19 -21.46 23.63
N HIS A 348 -16.62 -20.37 24.25
CA HIS A 348 -16.96 -20.39 25.67
C HIS A 348 -18.13 -19.46 26.00
N ASN A 349 -18.75 -19.69 27.15
CA ASN A 349 -19.87 -18.89 27.61
C ASN A 349 -19.77 -18.72 29.11
N LEU A 350 -20.01 -17.51 29.60
CA LEU A 350 -19.92 -17.21 31.02
C LEU A 350 -20.97 -16.21 31.43
N SER A 351 -21.18 -16.08 32.73
CA SER A 351 -22.13 -15.11 33.27
C SER A 351 -21.35 -13.83 33.46
N PHE A 352 -22.05 -12.74 33.77
CA PHE A 352 -21.41 -11.46 33.97
C PHE A 352 -20.39 -11.47 35.13
N ASP A 353 -20.80 -11.98 36.28
CA ASP A 353 -19.92 -12.03 37.45
C ASP A 353 -18.58 -12.70 37.21
N GLU A 354 -18.51 -13.61 36.24
CA GLU A 354 -17.26 -14.30 35.96
C GLU A 354 -16.56 -13.83 34.69
N ILE A 355 -16.78 -12.57 34.34
CA ILE A 355 -16.19 -11.99 33.15
C ILE A 355 -14.66 -12.07 33.08
N ASN A 356 -13.98 -11.95 34.21
CA ASN A 356 -12.51 -12.00 34.20
C ASN A 356 -11.96 -13.30 33.63
N LYS A 357 -12.74 -14.37 33.79
CA LYS A 357 -12.34 -15.68 33.29
C LYS A 357 -12.19 -15.56 31.78
N ALA A 358 -13.02 -14.72 31.18
CA ALA A 358 -13.01 -14.49 29.74
C ALA A 358 -11.65 -13.97 29.29
N PHE A 359 -11.04 -13.13 30.11
CA PHE A 359 -9.73 -12.57 29.81
C PHE A 359 -8.65 -13.62 29.96
N GLU A 360 -8.73 -14.41 31.03
CA GLU A 360 -7.77 -15.47 31.28
C GLU A 360 -7.72 -16.42 30.09
N LEU A 361 -8.90 -16.85 29.64
CA LEU A 361 -8.98 -17.75 28.50
C LEU A 361 -8.28 -17.17 27.27
N MET A 362 -8.47 -15.89 27.04
CA MET A 362 -7.84 -15.24 25.90
C MET A 362 -6.33 -15.24 26.03
N HIS A 363 -5.84 -14.90 27.21
CA HIS A 363 -4.40 -14.89 27.40
C HIS A 363 -3.86 -16.31 27.36
N SER A 364 -4.72 -17.28 27.68
CA SER A 364 -4.33 -18.68 27.68
C SER A 364 -4.36 -19.21 26.26
N GLY A 365 -4.97 -18.44 25.37
CA GLY A 365 -5.07 -18.85 23.99
C GLY A 365 -6.06 -19.98 23.83
N LYS A 366 -6.75 -20.30 24.90
CA LYS A 366 -7.72 -21.39 24.87
C LYS A 366 -9.01 -21.09 24.12
N SER A 367 -9.30 -19.81 23.88
CA SER A 367 -10.54 -19.49 23.18
C SER A 367 -10.40 -18.59 21.97
N ILE A 368 -11.51 -18.43 21.27
CA ILE A 368 -11.60 -17.56 20.12
C ILE A 368 -12.44 -16.42 20.66
N ARG A 369 -13.69 -16.73 21.00
CA ARG A 369 -14.59 -15.75 21.56
C ARG A 369 -15.40 -16.36 22.70
N THR A 370 -15.58 -15.58 23.77
CA THR A 370 -16.35 -16.02 24.93
C THR A 370 -17.53 -15.05 25.10
N VAL A 371 -18.74 -15.55 24.96
CA VAL A 371 -19.90 -14.68 25.11
C VAL A 371 -20.32 -14.66 26.57
N VAL A 372 -20.33 -13.46 27.14
CA VAL A 372 -20.71 -13.27 28.53
C VAL A 372 -22.18 -12.88 28.60
N LYS A 373 -22.99 -13.72 29.24
CA LYS A 373 -24.41 -13.41 29.35
C LYS A 373 -24.59 -12.42 30.46
N ILE A 374 -25.12 -11.24 30.13
CA ILE A 374 -25.34 -10.21 31.13
C ILE A 374 -26.41 -10.67 32.11
N ALA B 2 25.20 -11.41 -45.27
CA ALA B 2 25.15 -11.84 -43.84
C ALA B 2 25.52 -10.68 -42.93
N ASN B 3 25.19 -10.80 -41.65
CA ASN B 3 25.50 -9.75 -40.69
C ASN B 3 26.92 -9.91 -40.20
N GLU B 4 27.72 -8.88 -40.42
CA GLU B 4 29.12 -8.87 -40.02
C GLU B 4 29.30 -8.14 -38.71
N VAL B 5 30.52 -8.18 -38.19
CA VAL B 5 30.83 -7.47 -36.96
C VAL B 5 30.90 -5.98 -37.30
N ILE B 6 30.48 -5.14 -36.38
CA ILE B 6 30.54 -3.70 -36.61
C ILE B 6 31.62 -3.10 -35.73
N LYS B 7 32.40 -2.19 -36.30
CA LYS B 7 33.45 -1.50 -35.58
C LYS B 7 32.90 -0.08 -35.48
N CYS B 8 32.60 0.36 -34.26
CA CYS B 8 32.05 1.70 -34.07
C CYS B 8 32.54 2.28 -32.77
N LYS B 9 32.10 3.49 -32.46
CA LYS B 9 32.49 4.15 -31.22
C LYS B 9 31.42 3.90 -30.15
N ALA B 10 31.84 3.96 -28.90
CA ALA B 10 30.95 3.76 -27.76
C ALA B 10 31.65 4.32 -26.53
N ALA B 11 30.85 4.87 -25.60
CA ALA B 11 31.39 5.43 -24.38
C ALA B 11 31.56 4.31 -23.35
N VAL B 12 32.76 3.76 -23.25
CA VAL B 12 33.05 2.69 -22.31
C VAL B 12 33.35 3.19 -20.91
N ALA B 13 32.83 2.46 -19.91
CA ALA B 13 33.05 2.76 -18.51
C ALA B 13 33.98 1.64 -18.06
N TRP B 14 35.28 1.90 -18.13
CA TRP B 14 36.28 0.89 -17.76
C TRP B 14 36.27 0.51 -16.29
N GLU B 15 36.07 1.49 -15.42
CA GLU B 15 36.11 1.24 -14.00
C GLU B 15 35.14 2.15 -13.26
N ALA B 16 34.69 1.70 -12.09
CA ALA B 16 33.78 2.51 -11.30
C ALA B 16 34.51 3.77 -10.86
N GLY B 17 33.74 4.84 -10.65
CA GLY B 17 34.33 6.09 -10.20
C GLY B 17 35.12 6.88 -11.22
N LYS B 18 35.19 6.41 -12.46
CA LYS B 18 35.93 7.13 -13.49
C LYS B 18 34.98 7.63 -14.57
N PRO B 19 35.39 8.69 -15.30
CA PRO B 19 34.52 9.21 -16.36
C PRO B 19 34.41 8.20 -17.50
N LEU B 20 33.47 8.41 -18.40
CA LEU B 20 33.29 7.50 -19.53
C LEU B 20 34.36 7.78 -20.57
N SER B 21 34.75 6.75 -21.32
CA SER B 21 35.77 6.89 -22.35
C SER B 21 35.26 6.53 -23.73
N ILE B 22 35.23 7.50 -24.64
CA ILE B 22 34.81 7.22 -26.02
C ILE B 22 35.87 6.28 -26.58
N GLU B 23 35.47 5.06 -26.96
CA GLU B 23 36.41 4.06 -27.48
C GLU B 23 35.95 3.38 -28.76
N GLU B 24 36.91 2.82 -29.51
CA GLU B 24 36.62 2.09 -30.74
C GLU B 24 36.30 0.67 -30.27
N ILE B 25 35.16 0.14 -30.65
CA ILE B 25 34.80 -1.20 -30.21
C ILE B 25 34.26 -2.04 -31.36
N GLU B 26 33.99 -3.31 -31.07
CA GLU B 26 33.45 -4.22 -32.06
C GLU B 26 32.13 -4.71 -31.53
N VAL B 27 31.10 -4.64 -32.36
CA VAL B 27 29.77 -5.09 -31.99
C VAL B 27 29.44 -6.30 -32.83
N ALA B 28 29.25 -7.43 -32.18
CA ALA B 28 28.92 -8.67 -32.87
C ALA B 28 27.53 -8.61 -33.52
N PRO B 29 27.27 -9.50 -34.48
CA PRO B 29 25.98 -9.55 -35.15
C PRO B 29 24.94 -10.23 -34.26
N PRO B 30 23.66 -9.86 -34.42
CA PRO B 30 22.57 -10.44 -33.64
C PRO B 30 22.50 -11.95 -33.73
N LYS B 31 22.27 -12.62 -32.61
CA LYS B 31 22.13 -14.07 -32.64
C LYS B 31 20.63 -14.30 -32.69
N ALA B 32 20.20 -15.55 -32.54
CA ALA B 32 18.77 -15.85 -32.58
C ALA B 32 18.03 -15.00 -31.56
N HIS B 33 16.93 -14.40 -31.99
CA HIS B 33 16.07 -13.57 -31.14
C HIS B 33 16.76 -12.38 -30.48
N GLU B 34 17.56 -11.69 -31.27
CA GLU B 34 18.27 -10.49 -30.83
C GLU B 34 18.18 -9.55 -32.00
N VAL B 35 18.28 -8.25 -31.74
CA VAL B 35 18.25 -7.28 -32.83
C VAL B 35 19.34 -6.25 -32.56
N ARG B 36 20.06 -5.87 -33.61
CA ARG B 36 21.10 -4.88 -33.46
C ARG B 36 20.48 -3.55 -33.85
N ILE B 37 20.66 -2.56 -32.98
CA ILE B 37 20.09 -1.24 -33.18
C ILE B 37 21.16 -0.17 -33.33
N LYS B 38 20.86 0.83 -34.15
CA LYS B 38 21.75 1.95 -34.33
C LYS B 38 21.14 3.06 -33.47
N ILE B 39 21.84 3.46 -32.41
CA ILE B 39 21.32 4.51 -31.55
C ILE B 39 21.57 5.87 -32.19
N ILE B 40 20.52 6.67 -32.29
CA ILE B 40 20.61 7.99 -32.89
C ILE B 40 20.74 9.03 -31.78
N ALA B 41 20.06 8.79 -30.67
CA ALA B 41 20.09 9.70 -29.54
C ALA B 41 19.96 8.92 -28.24
N THR B 42 20.55 9.46 -27.18
CA THR B 42 20.48 8.83 -25.87
C THR B 42 20.64 9.88 -24.77
N ALA B 43 19.87 9.73 -23.70
CA ALA B 43 19.94 10.66 -22.58
C ALA B 43 20.58 9.98 -21.38
N VAL B 44 20.94 10.79 -20.39
CA VAL B 44 21.56 10.28 -19.17
C VAL B 44 20.65 10.46 -17.97
N CYS B 45 20.60 9.45 -17.11
CA CYS B 45 19.76 9.47 -15.92
C CYS B 45 20.60 9.21 -14.67
N HIS B 46 20.06 9.52 -13.49
CA HIS B 46 20.77 9.29 -12.24
C HIS B 46 21.11 7.80 -12.08
N THR B 47 20.32 6.96 -12.73
CA THR B 47 20.53 5.53 -12.66
C THR B 47 21.87 5.18 -13.30
N ASP B 48 22.17 5.81 -14.43
CA ASP B 48 23.44 5.56 -15.09
C ASP B 48 24.57 6.00 -14.14
N ALA B 49 24.41 7.19 -13.57
CA ALA B 49 25.39 7.72 -12.62
C ALA B 49 25.56 6.82 -11.40
N TYR B 50 24.45 6.28 -10.89
CA TYR B 50 24.51 5.39 -9.72
C TYR B 50 25.41 4.19 -9.98
N THR B 51 25.24 3.54 -11.12
CA THR B 51 26.07 2.38 -11.45
C THR B 51 27.51 2.82 -11.71
N LEU B 52 27.67 4.03 -12.24
CA LEU B 52 28.99 4.54 -12.53
C LEU B 52 29.83 4.79 -11.27
N SER B 53 29.19 5.32 -10.22
CA SER B 53 29.86 5.61 -8.96
C SER B 53 30.49 4.38 -8.32
N GLY B 54 29.78 3.26 -8.42
CA GLY B 54 30.28 2.02 -7.85
C GLY B 54 29.51 1.64 -6.59
N ALA B 55 28.50 2.44 -6.27
CA ALA B 55 27.67 2.20 -5.09
C ALA B 55 26.68 1.07 -5.36
N ASP B 56 26.49 0.74 -6.64
CA ASP B 56 25.57 -0.31 -7.04
C ASP B 56 26.18 -1.68 -6.80
N PRO B 57 25.55 -2.48 -5.92
CA PRO B 57 26.03 -3.84 -5.59
C PRO B 57 26.00 -4.77 -6.80
N GLU B 58 25.18 -4.42 -7.79
CA GLU B 58 25.02 -5.22 -9.00
C GLU B 58 25.82 -4.70 -10.19
N GLY B 59 26.54 -3.60 -10.00
CA GLY B 59 27.32 -3.03 -11.09
C GLY B 59 28.65 -3.70 -11.37
N CYS B 60 28.88 -4.05 -12.63
CA CYS B 60 30.13 -4.69 -13.01
C CYS B 60 30.80 -3.92 -14.14
N PHE B 61 32.11 -4.09 -14.27
CA PHE B 61 32.90 -3.39 -15.28
C PHE B 61 33.91 -4.30 -15.98
N PRO B 62 34.36 -3.93 -17.19
CA PRO B 62 33.99 -2.72 -17.92
C PRO B 62 32.60 -2.88 -18.52
N VAL B 63 31.89 -1.77 -18.69
CA VAL B 63 30.52 -1.84 -19.20
C VAL B 63 30.08 -0.63 -20.03
N ILE B 64 29.02 -0.84 -20.81
CA ILE B 64 28.44 0.21 -21.63
C ILE B 64 27.08 0.55 -21.03
N LEU B 65 27.01 1.70 -20.38
CA LEU B 65 25.80 2.18 -19.73
C LEU B 65 24.80 2.80 -20.71
N GLY B 66 23.75 3.43 -20.16
CA GLY B 66 22.74 4.05 -20.99
C GLY B 66 21.51 3.18 -21.15
N HIS B 67 20.34 3.73 -20.83
CA HIS B 67 19.09 3.00 -20.95
C HIS B 67 17.95 3.87 -21.46
N GLU B 68 18.30 5.04 -21.98
CA GLU B 68 17.33 5.99 -22.54
C GLU B 68 17.75 6.35 -23.95
N GLY B 69 17.40 5.51 -24.91
CA GLY B 69 17.78 5.79 -26.27
C GLY B 69 16.68 5.57 -27.26
N ALA B 70 16.93 5.96 -28.50
CA ALA B 70 15.99 5.81 -29.59
C ALA B 70 16.86 5.61 -30.82
N GLY B 71 16.40 4.79 -31.75
CA GLY B 71 17.21 4.54 -32.92
C GLY B 71 16.52 3.72 -34.00
N ILE B 72 17.33 3.13 -34.85
CA ILE B 72 16.82 2.35 -35.96
C ILE B 72 17.40 0.93 -35.99
N VAL B 73 16.54 -0.03 -36.36
CA VAL B 73 16.98 -1.40 -36.42
C VAL B 73 17.95 -1.56 -37.60
N GLU B 74 19.17 -1.99 -37.29
CA GLU B 74 20.20 -2.20 -38.30
C GLU B 74 20.09 -3.63 -38.85
N SER B 75 19.76 -4.58 -37.98
CA SER B 75 19.60 -5.98 -38.40
C SER B 75 18.99 -6.85 -37.31
N VAL B 76 18.48 -8.02 -37.70
CA VAL B 76 17.88 -8.94 -36.74
C VAL B 76 18.42 -10.36 -36.84
N GLY B 77 18.47 -11.05 -35.71
CA GLY B 77 18.96 -12.41 -35.69
C GLY B 77 17.90 -13.35 -36.21
N GLU B 78 18.16 -14.64 -36.19
CA GLU B 78 17.18 -15.57 -36.69
C GLU B 78 16.02 -15.66 -35.72
N GLY B 79 14.85 -16.04 -36.22
CA GLY B 79 13.68 -16.15 -35.37
C GLY B 79 12.94 -14.84 -35.21
N VAL B 80 13.56 -13.73 -35.64
CA VAL B 80 12.93 -12.42 -35.51
C VAL B 80 12.00 -12.08 -36.66
N THR B 81 10.71 -11.96 -36.34
CA THR B 81 9.68 -11.68 -37.34
C THR B 81 9.08 -10.28 -37.27
N LYS B 82 8.62 -9.90 -36.07
CA LYS B 82 8.00 -8.61 -35.86
C LYS B 82 8.86 -7.40 -36.21
N LEU B 83 10.17 -7.57 -36.18
CA LEU B 83 11.09 -6.49 -36.47
C LEU B 83 11.93 -6.74 -37.72
N LYS B 84 12.25 -5.65 -38.41
CA LYS B 84 13.06 -5.74 -39.61
C LYS B 84 13.96 -4.53 -39.69
N ALA B 85 15.10 -4.66 -40.37
CA ALA B 85 16.04 -3.57 -40.53
C ALA B 85 15.28 -2.33 -41.00
N GLY B 86 15.53 -1.20 -40.35
CA GLY B 86 14.87 0.04 -40.74
C GLY B 86 13.75 0.50 -39.84
N ASP B 87 13.29 -0.35 -38.93
CA ASP B 87 12.21 0.04 -38.04
C ASP B 87 12.69 1.05 -36.98
N THR B 88 11.85 2.06 -36.70
CA THR B 88 12.18 3.04 -35.69
C THR B 88 11.85 2.39 -34.36
N VAL B 89 12.78 2.44 -33.42
CA VAL B 89 12.56 1.75 -32.15
C VAL B 89 13.13 2.42 -30.90
N ILE B 90 12.77 1.83 -29.76
CA ILE B 90 13.25 2.28 -28.46
C ILE B 90 13.58 1.06 -27.61
N PRO B 91 14.84 0.97 -27.15
CA PRO B 91 15.34 -0.13 -26.32
C PRO B 91 14.58 -0.09 -24.99
N LEU B 92 14.33 -1.26 -24.40
CA LEU B 92 13.58 -1.32 -23.14
C LEU B 92 14.31 -2.07 -22.03
N TYR B 93 14.55 -1.41 -20.89
CA TYR B 93 15.21 -2.08 -19.78
C TYR B 93 14.21 -3.01 -19.10
N ILE B 94 12.92 -2.72 -19.24
CA ILE B 94 11.87 -3.59 -18.72
C ILE B 94 11.36 -4.25 -19.99
N PRO B 95 11.61 -5.55 -20.15
CA PRO B 95 11.15 -6.24 -21.34
C PRO B 95 9.68 -6.64 -21.23
N GLN B 96 9.20 -7.33 -22.26
CA GLN B 96 7.83 -7.84 -22.29
C GLN B 96 7.79 -9.03 -23.25
N CYS B 97 8.11 -10.22 -22.74
CA CYS B 97 8.12 -11.42 -23.56
C CYS B 97 6.70 -11.79 -23.99
N GLY B 98 5.73 -11.50 -23.12
CA GLY B 98 4.34 -11.79 -23.43
C GLY B 98 3.84 -13.16 -23.03
N GLU B 99 4.72 -14.03 -22.56
CA GLU B 99 4.27 -15.35 -22.16
C GLU B 99 4.60 -15.77 -20.73
N CYS B 100 5.46 -15.02 -20.05
CA CYS B 100 5.80 -15.37 -18.67
C CYS B 100 4.64 -15.07 -17.73
N LYS B 101 4.79 -15.54 -16.49
CA LYS B 101 3.79 -15.37 -15.46
C LYS B 101 3.41 -13.89 -15.31
N PHE B 102 4.42 -13.01 -15.30
CA PHE B 102 4.16 -11.58 -15.14
C PHE B 102 3.51 -10.90 -16.35
N CYS B 103 4.04 -11.16 -17.54
CA CYS B 103 3.48 -10.58 -18.75
C CYS B 103 2.00 -10.94 -18.91
N LEU B 104 1.65 -12.15 -18.47
CA LEU B 104 0.27 -12.62 -18.57
C LEU B 104 -0.67 -12.10 -17.47
N ASN B 105 -0.09 -11.45 -16.45
CA ASN B 105 -0.91 -10.89 -15.37
C ASN B 105 -1.08 -9.38 -15.61
N PRO B 106 -2.34 -8.91 -15.73
CA PRO B 106 -2.67 -7.51 -15.97
C PRO B 106 -2.17 -6.50 -14.91
N LYS B 107 -1.93 -6.98 -13.70
CA LYS B 107 -1.52 -6.10 -12.60
C LYS B 107 -0.03 -5.77 -12.48
N THR B 108 0.78 -6.23 -13.41
CA THR B 108 2.21 -5.96 -13.35
C THR B 108 2.83 -5.91 -14.76
N ASN B 109 4.06 -5.39 -14.83
CA ASN B 109 4.80 -5.27 -16.09
C ASN B 109 6.23 -5.75 -15.91
N LEU B 110 6.51 -6.40 -14.79
CA LEU B 110 7.85 -6.87 -14.50
C LEU B 110 8.22 -8.21 -15.10
N CYS B 111 8.33 -8.25 -16.42
CA CYS B 111 8.69 -9.46 -17.14
C CYS B 111 10.00 -10.03 -16.60
N GLN B 112 10.03 -11.34 -16.36
CA GLN B 112 11.22 -11.99 -15.81
C GLN B 112 11.99 -12.92 -16.76
N LYS B 113 11.50 -13.10 -17.98
CA LYS B 113 12.14 -14.00 -18.93
C LYS B 113 13.67 -13.90 -19.07
N ILE B 114 14.22 -12.71 -18.88
CA ILE B 114 15.66 -12.53 -19.04
C ILE B 114 16.35 -11.73 -17.93
N ARG B 115 15.64 -11.50 -16.82
CA ARG B 115 16.19 -10.72 -15.72
C ARG B 115 17.58 -11.17 -15.25
N VAL B 116 17.69 -12.45 -14.89
CA VAL B 116 18.95 -13.02 -14.41
C VAL B 116 20.13 -12.67 -15.31
N THR B 117 20.02 -13.05 -16.57
CA THR B 117 21.07 -12.83 -17.54
C THR B 117 21.33 -11.32 -17.76
N GLN B 118 20.29 -10.51 -17.63
CA GLN B 118 20.42 -9.07 -17.82
C GLN B 118 21.16 -8.40 -16.67
N GLY B 119 20.97 -8.92 -15.46
CA GLY B 119 21.63 -8.36 -14.29
C GLY B 119 23.13 -8.56 -14.37
N LYS B 120 23.53 -9.59 -15.09
CA LYS B 120 24.93 -9.92 -15.26
C LYS B 120 25.51 -9.24 -16.51
N GLY B 121 24.69 -8.42 -17.17
CA GLY B 121 25.14 -7.72 -18.36
C GLY B 121 25.43 -8.60 -19.57
N LEU B 122 24.60 -9.61 -19.77
CA LEU B 122 24.76 -10.54 -20.89
C LEU B 122 23.45 -10.77 -21.64
N MET B 123 23.56 -11.20 -22.89
CA MET B 123 22.37 -11.50 -23.68
C MET B 123 21.81 -12.80 -23.14
N PRO B 124 20.57 -13.15 -23.50
CA PRO B 124 19.93 -14.38 -23.02
C PRO B 124 20.77 -15.64 -23.14
N ASP B 125 21.59 -15.74 -24.19
CA ASP B 125 22.41 -16.93 -24.37
C ASP B 125 23.57 -16.93 -23.36
N GLY B 126 23.58 -15.93 -22.48
CA GLY B 126 24.61 -15.83 -21.46
C GLY B 126 25.96 -15.32 -21.93
N THR B 127 25.98 -14.51 -22.98
CA THR B 127 27.23 -13.96 -23.49
C THR B 127 27.06 -12.51 -23.95
N SER B 128 28.13 -11.74 -23.87
CA SER B 128 28.11 -10.34 -24.29
C SER B 128 28.40 -10.22 -25.77
N ARG B 129 27.90 -9.15 -26.38
CA ARG B 129 28.08 -8.93 -27.79
C ARG B 129 29.14 -7.84 -28.05
N PHE B 130 29.70 -7.30 -26.97
CA PHE B 130 30.68 -6.23 -27.05
C PHE B 130 32.13 -6.61 -26.73
N THR B 131 33.07 -6.03 -27.46
CA THR B 131 34.50 -6.23 -27.21
C THR B 131 35.25 -4.94 -27.47
N CYS B 132 36.30 -4.72 -26.69
CA CYS B 132 37.10 -3.50 -26.82
C CYS B 132 38.52 -3.81 -26.38
N LYS B 133 39.47 -3.51 -27.26
CA LYS B 133 40.87 -3.75 -26.96
C LYS B 133 41.08 -5.14 -26.40
N GLY B 134 40.45 -6.13 -27.04
CA GLY B 134 40.60 -7.52 -26.64
C GLY B 134 39.82 -7.96 -25.41
N LYS B 135 39.29 -7.00 -24.67
CA LYS B 135 38.53 -7.32 -23.47
C LYS B 135 37.03 -7.32 -23.76
N THR B 136 36.29 -8.08 -22.95
CA THR B 136 34.85 -8.17 -23.10
C THR B 136 34.19 -7.04 -22.32
N ILE B 137 33.30 -6.31 -22.98
CA ILE B 137 32.59 -5.22 -22.34
C ILE B 137 31.17 -5.68 -22.04
N LEU B 138 30.69 -5.41 -20.84
CA LEU B 138 29.36 -5.84 -20.45
C LEU B 138 28.21 -4.96 -20.92
N HIS B 139 27.04 -5.59 -21.08
CA HIS B 139 25.81 -4.90 -21.47
C HIS B 139 25.29 -4.26 -20.18
N TYR B 140 24.35 -3.33 -20.29
CA TYR B 140 23.79 -2.67 -19.12
C TYR B 140 22.28 -2.50 -19.23
N MET B 141 21.56 -2.98 -18.23
CA MET B 141 20.11 -2.88 -18.20
C MET B 141 19.45 -3.43 -19.47
N GLY B 142 20.15 -4.34 -20.14
CA GLY B 142 19.65 -4.93 -21.37
C GLY B 142 19.57 -3.98 -22.56
N THR B 143 20.07 -2.75 -22.39
CA THR B 143 20.01 -1.80 -23.49
C THR B 143 21.34 -1.22 -23.98
N SER B 144 22.19 -0.75 -23.08
CA SER B 144 23.48 -0.17 -23.47
C SER B 144 23.33 0.87 -24.58
N THR B 145 22.62 1.95 -24.31
CA THR B 145 22.40 2.97 -25.32
C THR B 145 23.56 3.93 -25.60
N PHE B 146 24.65 3.83 -24.84
CA PHE B 146 25.82 4.72 -25.04
C PHE B 146 26.78 4.21 -26.10
N SER B 147 26.26 3.57 -27.15
CA SER B 147 27.08 3.04 -28.24
C SER B 147 26.43 3.41 -29.58
N GLU B 148 27.21 3.50 -30.64
CA GLU B 148 26.63 3.84 -31.94
C GLU B 148 25.74 2.68 -32.37
N TYR B 149 26.10 1.49 -31.90
CA TYR B 149 25.36 0.27 -32.19
C TYR B 149 25.31 -0.64 -30.95
N THR B 150 24.14 -1.18 -30.65
CA THR B 150 23.96 -2.08 -29.52
C THR B 150 23.09 -3.26 -29.94
N VAL B 151 23.10 -4.33 -29.15
CA VAL B 151 22.31 -5.51 -29.43
C VAL B 151 21.45 -5.78 -28.21
N VAL B 152 20.16 -6.03 -28.43
CA VAL B 152 19.24 -6.27 -27.33
C VAL B 152 18.38 -7.50 -27.59
N ALA B 153 17.84 -8.08 -26.52
CA ALA B 153 16.96 -9.23 -26.66
C ALA B 153 15.78 -8.74 -27.49
N ASP B 154 15.30 -9.55 -28.42
CA ASP B 154 14.19 -9.14 -29.26
C ASP B 154 12.96 -8.76 -28.44
N ILE B 155 12.89 -9.26 -27.21
CA ILE B 155 11.76 -8.94 -26.34
C ILE B 155 12.02 -7.61 -25.61
N SER B 156 13.10 -6.92 -25.97
CA SER B 156 13.45 -5.64 -25.36
C SER B 156 13.30 -4.47 -26.34
N VAL B 157 12.43 -4.62 -27.34
CA VAL B 157 12.26 -3.56 -28.33
C VAL B 157 10.82 -3.11 -28.53
N ALA B 158 10.65 -1.82 -28.78
CA ALA B 158 9.33 -1.25 -29.02
C ALA B 158 9.37 -0.56 -30.38
N LYS B 159 8.50 -0.98 -31.30
CA LYS B 159 8.46 -0.35 -32.61
C LYS B 159 7.55 0.85 -32.47
N ILE B 160 8.05 2.02 -32.86
CA ILE B 160 7.29 3.26 -32.73
C ILE B 160 7.10 3.97 -34.06
N ASP B 161 6.34 5.06 -34.00
CA ASP B 161 6.05 5.90 -35.16
C ASP B 161 7.36 6.30 -35.85
N PRO B 162 7.49 6.00 -37.14
CA PRO B 162 8.71 6.35 -37.89
C PRO B 162 8.95 7.85 -38.00
N LEU B 163 7.95 8.64 -37.66
CA LEU B 163 8.06 10.10 -37.73
C LEU B 163 8.47 10.78 -36.42
N ALA B 164 8.56 9.99 -35.35
CA ALA B 164 8.93 10.53 -34.04
C ALA B 164 10.39 10.99 -33.97
N PRO B 165 10.62 12.25 -33.58
CA PRO B 165 12.01 12.74 -33.48
C PRO B 165 12.73 11.92 -32.41
N LEU B 166 13.75 11.18 -32.80
CA LEU B 166 14.49 10.32 -31.86
C LEU B 166 15.26 11.04 -30.76
N ASP B 167 15.70 12.26 -31.03
CA ASP B 167 16.45 13.02 -30.03
C ASP B 167 15.48 13.60 -29.01
N LYS B 168 14.22 13.23 -29.13
CA LYS B 168 13.20 13.68 -28.20
C LYS B 168 12.66 12.43 -27.52
N VAL B 169 11.97 11.63 -28.33
CA VAL B 169 11.34 10.40 -27.90
C VAL B 169 12.25 9.42 -27.12
N CYS B 170 13.55 9.60 -27.19
CA CYS B 170 14.46 8.70 -26.45
C CYS B 170 14.20 8.79 -24.95
N LEU B 171 13.58 9.88 -24.52
CA LEU B 171 13.29 10.05 -23.09
C LEU B 171 12.12 9.20 -22.59
N LEU B 172 11.36 8.61 -23.51
CA LEU B 172 10.25 7.77 -23.12
C LEU B 172 10.81 6.41 -22.71
N GLY B 173 12.13 6.30 -22.78
CA GLY B 173 12.78 5.07 -22.38
C GLY B 173 12.86 4.92 -20.87
N CYS B 174 12.63 6.01 -20.14
CA CYS B 174 12.71 5.94 -18.68
C CYS B 174 11.88 6.95 -17.87
N GLY B 175 12.46 8.10 -17.59
CA GLY B 175 11.82 9.13 -16.79
C GLY B 175 10.40 9.60 -17.06
N ILE B 176 10.10 9.96 -18.30
CA ILE B 176 8.77 10.44 -18.62
C ILE B 176 7.72 9.35 -18.44
N SER B 177 7.98 8.19 -19.03
CA SER B 177 7.04 7.07 -18.94
C SER B 177 6.78 6.68 -17.48
N THR B 178 7.84 6.64 -16.69
CA THR B 178 7.72 6.27 -15.29
C THR B 178 6.86 7.26 -14.50
N GLY B 179 7.15 8.56 -14.67
CA GLY B 179 6.40 9.57 -13.93
C GLY B 179 4.95 9.59 -14.33
N TYR B 180 4.74 9.63 -15.64
CA TYR B 180 3.41 9.67 -16.22
C TYR B 180 2.58 8.46 -15.80
N GLY B 181 3.16 7.27 -16.00
CA GLY B 181 2.48 6.04 -15.65
C GLY B 181 2.18 5.93 -14.17
N ALA B 182 3.06 6.51 -13.36
CA ALA B 182 2.90 6.49 -11.92
C ALA B 182 1.56 7.10 -11.55
N ALA B 183 1.19 8.17 -12.24
CA ALA B 183 -0.06 8.85 -11.96
C ALA B 183 -1.25 8.14 -12.57
N VAL B 184 -1.14 7.85 -13.86
CA VAL B 184 -2.20 7.21 -14.64
C VAL B 184 -2.40 5.71 -14.49
N ASN B 185 -1.34 4.97 -14.19
CA ASN B 185 -1.44 3.52 -14.03
C ASN B 185 -1.46 3.00 -12.60
N THR B 186 -0.49 3.45 -11.79
CA THR B 186 -0.40 3.00 -10.41
C THR B 186 -1.42 3.63 -9.48
N ALA B 187 -1.55 4.96 -9.54
CA ALA B 187 -2.50 5.65 -8.69
C ALA B 187 -3.90 5.70 -9.30
N LYS B 188 -3.97 5.90 -10.62
CA LYS B 188 -5.25 6.02 -11.32
C LYS B 188 -6.11 7.05 -10.59
N LEU B 189 -5.52 8.22 -10.34
CA LEU B 189 -6.22 9.30 -9.64
C LEU B 189 -7.44 9.76 -10.41
N GLU B 190 -8.52 10.01 -9.68
CA GLU B 190 -9.76 10.45 -10.28
C GLU B 190 -9.78 11.96 -10.51
N PRO B 191 -10.58 12.43 -11.49
CA PRO B 191 -10.65 13.86 -11.77
C PRO B 191 -10.99 14.67 -10.53
N GLY B 192 -10.29 15.78 -10.33
CA GLY B 192 -10.55 16.63 -9.19
C GLY B 192 -9.79 16.31 -7.93
N SER B 193 -9.03 15.23 -7.92
CA SER B 193 -8.29 14.90 -6.70
C SER B 193 -7.08 15.80 -6.43
N VAL B 194 -6.73 15.93 -5.15
CA VAL B 194 -5.61 16.75 -4.72
C VAL B 194 -4.36 15.88 -4.62
N CYS B 195 -3.32 16.26 -5.35
CA CYS B 195 -2.08 15.51 -5.37
C CYS B 195 -0.88 16.33 -4.93
N ALA B 196 0.14 15.63 -4.45
CA ALA B 196 1.39 16.24 -4.01
C ALA B 196 2.52 15.45 -4.68
N VAL B 197 3.57 16.16 -5.08
CA VAL B 197 4.70 15.51 -5.74
C VAL B 197 6.00 15.94 -5.10
N PHE B 198 6.72 14.99 -4.52
CA PHE B 198 8.00 15.25 -3.87
C PHE B 198 9.13 14.97 -4.83
N GLY B 199 9.86 16.03 -5.20
CA GLY B 199 10.96 15.89 -6.14
C GLY B 199 10.49 16.41 -7.48
N LEU B 200 11.15 17.44 -7.99
CA LEU B 200 10.74 18.03 -9.25
C LEU B 200 11.71 17.87 -10.40
N GLY B 201 12.27 16.67 -10.54
CA GLY B 201 13.16 16.39 -11.65
C GLY B 201 12.30 15.83 -12.77
N GLY B 202 12.91 15.11 -13.71
CA GLY B 202 12.14 14.56 -14.81
C GLY B 202 10.95 13.72 -14.36
N VAL B 203 11.19 12.84 -13.40
CA VAL B 203 10.15 11.96 -12.87
C VAL B 203 8.99 12.72 -12.22
N GLY B 204 9.34 13.64 -11.33
CA GLY B 204 8.32 14.44 -10.67
C GLY B 204 7.50 15.25 -11.65
N LEU B 205 8.16 15.82 -12.65
CA LEU B 205 7.48 16.61 -13.66
C LEU B 205 6.57 15.70 -14.50
N ALA B 206 7.05 14.51 -14.83
CA ALA B 206 6.25 13.58 -15.62
C ALA B 206 5.01 13.20 -14.81
N VAL B 207 5.17 13.10 -13.49
CA VAL B 207 4.07 12.77 -12.61
C VAL B 207 3.04 13.90 -12.65
N ILE B 208 3.51 15.14 -12.50
CA ILE B 208 2.65 16.31 -12.54
C ILE B 208 1.87 16.28 -13.85
N MET B 209 2.57 15.95 -14.93
CA MET B 209 1.96 15.89 -16.24
C MET B 209 0.76 14.96 -16.26
N GLY B 210 0.93 13.76 -15.67
CA GLY B 210 -0.14 12.78 -15.61
C GLY B 210 -1.28 13.22 -14.71
N CYS B 211 -0.95 13.90 -13.61
CA CYS B 211 -1.98 14.37 -12.71
C CYS B 211 -2.85 15.37 -13.45
N LYS B 212 -2.20 16.22 -14.24
CA LYS B 212 -2.91 17.21 -15.01
C LYS B 212 -3.79 16.58 -16.09
N VAL B 213 -3.33 15.50 -16.71
CA VAL B 213 -4.16 14.88 -17.73
C VAL B 213 -5.29 14.12 -17.08
N ALA B 214 -5.08 13.70 -15.82
CA ALA B 214 -6.09 12.95 -15.10
C ALA B 214 -7.17 13.90 -14.59
N GLY B 215 -6.85 15.18 -14.60
CA GLY B 215 -7.80 16.17 -14.15
C GLY B 215 -7.70 16.47 -12.66
N ALA B 216 -6.48 16.51 -12.13
CA ALA B 216 -6.29 16.81 -10.71
C ALA B 216 -6.73 18.25 -10.44
N SER B 217 -7.43 18.50 -9.34
CA SER B 217 -7.85 19.88 -9.04
C SER B 217 -6.69 20.65 -8.40
N ARG B 218 -5.85 19.95 -7.65
CA ARG B 218 -4.68 20.57 -7.03
C ARG B 218 -3.47 19.67 -7.26
N ILE B 219 -2.31 20.29 -7.47
CA ILE B 219 -1.08 19.55 -7.70
C ILE B 219 0.03 20.35 -7.03
N ILE B 220 0.40 19.93 -5.82
CA ILE B 220 1.42 20.62 -5.06
C ILE B 220 2.81 20.05 -5.27
N GLY B 221 3.71 20.89 -5.78
CA GLY B 221 5.08 20.47 -5.99
C GLY B 221 5.88 20.68 -4.72
N VAL B 222 6.82 19.79 -4.45
CA VAL B 222 7.67 19.88 -3.26
C VAL B 222 9.12 19.61 -3.67
N ASP B 223 10.02 20.53 -3.37
CA ASP B 223 11.44 20.38 -3.70
C ASP B 223 12.27 21.35 -2.86
N ILE B 224 13.48 20.95 -2.49
CA ILE B 224 14.33 21.82 -1.70
C ILE B 224 15.04 22.79 -2.63
N ASN B 225 14.92 22.54 -3.93
CA ASN B 225 15.54 23.40 -4.93
C ASN B 225 14.49 24.27 -5.60
N LYS B 226 14.38 25.50 -5.11
CA LYS B 226 13.43 26.48 -5.62
C LYS B 226 13.50 26.68 -7.14
N ASP B 227 14.68 26.46 -7.72
CA ASP B 227 14.88 26.63 -9.16
C ASP B 227 13.96 25.75 -10.00
N LYS B 228 13.55 24.62 -9.41
CA LYS B 228 12.70 23.65 -10.09
C LYS B 228 11.25 24.08 -10.15
N PHE B 229 10.87 25.06 -9.34
CA PHE B 229 9.48 25.50 -9.29
C PHE B 229 8.89 26.00 -10.60
N ALA B 230 9.55 26.94 -11.24
CA ALA B 230 9.04 27.50 -12.49
C ALA B 230 8.58 26.45 -13.50
N ARG B 231 9.46 25.50 -13.84
CA ARG B 231 9.10 24.48 -14.82
C ARG B 231 7.97 23.60 -14.29
N ALA B 232 7.96 23.32 -13.00
CA ALA B 232 6.91 22.50 -12.43
C ALA B 232 5.57 23.19 -12.67
N LYS B 233 5.51 24.49 -12.42
CA LYS B 233 4.29 25.21 -12.62
C LYS B 233 3.88 25.14 -14.09
N GLU B 234 4.86 25.17 -14.98
CA GLU B 234 4.59 25.10 -16.41
C GLU B 234 3.94 23.78 -16.75
N PHE B 235 4.35 22.74 -16.04
CA PHE B 235 3.83 21.41 -16.25
C PHE B 235 2.43 21.16 -15.67
N GLY B 236 2.00 22.01 -14.74
CA GLY B 236 0.68 21.83 -14.16
C GLY B 236 0.57 22.01 -12.67
N ALA B 237 1.71 22.12 -11.98
CA ALA B 237 1.69 22.30 -10.53
C ALA B 237 0.95 23.58 -10.18
N THR B 238 -0.08 23.46 -9.36
CA THR B 238 -0.85 24.63 -8.95
C THR B 238 -0.04 25.46 -7.95
N GLU B 239 0.87 24.82 -7.24
CA GLU B 239 1.71 25.53 -6.29
C GLU B 239 2.89 24.67 -5.86
N CYS B 240 3.99 25.33 -5.49
CA CYS B 240 5.21 24.64 -5.07
C CYS B 240 5.64 25.12 -3.69
N ILE B 241 6.25 24.23 -2.92
CA ILE B 241 6.69 24.56 -1.57
C ILE B 241 8.05 23.94 -1.29
N ASN B 242 8.86 24.64 -0.50
CA ASN B 242 10.19 24.18 -0.14
C ASN B 242 10.26 23.86 1.35
N PRO B 243 10.43 22.57 1.69
CA PRO B 243 10.51 22.07 3.05
C PRO B 243 11.40 22.92 3.95
N GLN B 244 12.48 23.42 3.38
CA GLN B 244 13.41 24.25 4.15
C GLN B 244 12.77 25.52 4.69
N ASP B 245 11.65 25.94 4.10
CA ASP B 245 10.94 27.15 4.53
C ASP B 245 9.98 26.89 5.68
N PHE B 246 9.97 25.67 6.20
CA PHE B 246 9.08 25.35 7.31
C PHE B 246 9.87 24.72 8.44
N SER B 247 9.41 24.94 9.66
CA SER B 247 10.07 24.38 10.84
C SER B 247 9.40 23.07 11.20
N LYS B 248 8.13 22.93 10.79
CA LYS B 248 7.36 21.72 11.06
C LYS B 248 7.62 20.67 10.00
N PRO B 249 7.35 19.40 10.32
CA PRO B 249 7.55 18.31 9.37
C PRO B 249 6.68 18.56 8.14
N ILE B 250 7.25 18.34 6.96
CA ILE B 250 6.55 18.56 5.71
C ILE B 250 5.17 17.91 5.65
N GLN B 251 4.96 16.82 6.41
CA GLN B 251 3.67 16.16 6.41
C GLN B 251 2.65 17.13 7.00
N GLU B 252 2.97 17.69 8.16
CA GLU B 252 2.08 18.61 8.84
C GLU B 252 1.73 19.81 7.97
N VAL B 253 2.69 20.26 7.17
CA VAL B 253 2.45 21.39 6.30
C VAL B 253 1.36 21.03 5.30
N LEU B 254 1.57 19.94 4.57
CA LEU B 254 0.62 19.49 3.56
C LEU B 254 -0.76 19.23 4.12
N ILE B 255 -0.81 18.65 5.32
CA ILE B 255 -2.09 18.36 5.95
C ILE B 255 -2.83 19.67 6.17
N GLU B 256 -2.11 20.71 6.60
CA GLU B 256 -2.73 22.01 6.81
C GLU B 256 -3.26 22.55 5.49
N MET B 257 -2.40 22.53 4.47
CA MET B 257 -2.78 23.03 3.14
C MET B 257 -3.96 22.36 2.49
N THR B 258 -4.26 21.13 2.87
CA THR B 258 -5.35 20.42 2.22
C THR B 258 -6.48 19.98 3.14
N ASP B 259 -6.48 20.47 4.37
CA ASP B 259 -7.51 20.12 5.33
C ASP B 259 -7.62 18.62 5.50
N GLY B 260 -6.51 17.98 5.85
CA GLY B 260 -6.54 16.54 6.05
C GLY B 260 -5.43 15.78 5.37
N GLY B 261 -4.97 16.32 4.24
CA GLY B 261 -3.91 15.65 3.50
C GLY B 261 -4.33 15.47 2.06
N VAL B 262 -3.41 15.01 1.21
CA VAL B 262 -3.71 14.83 -0.19
C VAL B 262 -4.36 13.50 -0.52
N ASP B 263 -5.04 13.45 -1.66
CA ASP B 263 -5.68 12.23 -2.11
C ASP B 263 -4.62 11.26 -2.59
N TYR B 264 -3.63 11.80 -3.30
CA TYR B 264 -2.51 11.00 -3.80
C TYR B 264 -1.20 11.76 -3.65
N SER B 265 -0.15 11.04 -3.29
CA SER B 265 1.16 11.67 -3.16
C SER B 265 2.14 10.78 -3.89
N PHE B 266 3.21 11.38 -4.41
CA PHE B 266 4.21 10.63 -5.14
C PHE B 266 5.62 11.04 -4.70
N GLU B 267 6.44 10.07 -4.35
CA GLU B 267 7.81 10.34 -3.93
C GLU B 267 8.69 10.08 -5.15
N CYS B 268 9.35 11.13 -5.65
CA CYS B 268 10.20 11.00 -6.83
C CYS B 268 11.62 11.44 -6.54
N ILE B 269 12.11 11.09 -5.36
CA ILE B 269 13.44 11.46 -4.95
C ILE B 269 14.31 10.25 -4.67
N GLY B 270 13.80 9.36 -3.82
CA GLY B 270 14.56 8.17 -3.45
C GLY B 270 15.06 8.33 -2.03
N ASN B 271 14.37 9.19 -1.29
CA ASN B 271 14.72 9.46 0.09
C ASN B 271 13.73 8.79 1.04
N VAL B 272 14.20 7.75 1.72
CA VAL B 272 13.37 7.00 2.66
C VAL B 272 12.60 7.86 3.67
N LYS B 273 13.23 8.91 4.19
CA LYS B 273 12.54 9.78 5.15
C LYS B 273 11.42 10.56 4.46
N VAL B 274 11.69 11.02 3.24
CA VAL B 274 10.68 11.76 2.50
C VAL B 274 9.52 10.83 2.16
N MET B 275 9.85 9.59 1.83
CA MET B 275 8.83 8.60 1.50
C MET B 275 7.83 8.47 2.65
N ARG B 276 8.34 8.41 3.87
CA ARG B 276 7.46 8.33 5.03
C ARG B 276 6.56 9.57 5.08
N ALA B 277 7.17 10.73 4.87
CA ALA B 277 6.43 11.99 4.87
C ALA B 277 5.35 11.95 3.79
N ALA B 278 5.71 11.51 2.59
CA ALA B 278 4.73 11.42 1.49
C ALA B 278 3.54 10.55 1.88
N LEU B 279 3.80 9.46 2.60
CA LEU B 279 2.71 8.59 3.03
C LEU B 279 1.88 9.33 4.06
N GLU B 280 2.53 9.84 5.08
CA GLU B 280 1.85 10.54 6.16
C GLU B 280 1.10 11.79 5.73
N ALA B 281 1.51 12.38 4.60
CA ALA B 281 0.85 13.59 4.12
C ALA B 281 -0.46 13.26 3.42
N CYS B 282 -0.72 11.98 3.21
CA CYS B 282 -1.96 11.57 2.54
C CYS B 282 -3.16 11.69 3.47
N HIS B 283 -4.31 11.96 2.88
CA HIS B 283 -5.53 12.11 3.66
C HIS B 283 -5.89 10.80 4.35
N LYS B 284 -6.37 10.90 5.58
CA LYS B 284 -6.79 9.72 6.35
C LYS B 284 -7.94 9.01 5.66
N GLY B 285 -7.98 7.69 5.79
CA GLY B 285 -9.07 6.91 5.22
C GLY B 285 -9.02 6.55 3.75
N TRP B 286 -8.36 7.35 2.91
CA TRP B 286 -8.29 7.03 1.48
C TRP B 286 -7.06 7.55 0.74
N GLY B 287 -6.17 8.21 1.46
CA GLY B 287 -4.97 8.72 0.84
C GLY B 287 -4.08 7.61 0.32
N VAL B 288 -3.48 7.81 -0.86
CA VAL B 288 -2.60 6.82 -1.45
C VAL B 288 -1.26 7.46 -1.73
N SER B 289 -0.18 6.75 -1.40
CA SER B 289 1.14 7.27 -1.64
C SER B 289 1.94 6.31 -2.52
N VAL B 290 2.46 6.80 -3.63
CA VAL B 290 3.24 5.99 -4.55
C VAL B 290 4.72 6.30 -4.48
N VAL B 291 5.53 5.28 -4.26
CA VAL B 291 6.98 5.44 -4.22
C VAL B 291 7.48 5.21 -5.64
N VAL B 292 8.12 6.21 -6.21
CA VAL B 292 8.66 6.10 -7.56
C VAL B 292 10.17 6.12 -7.48
N GLY B 293 10.69 6.88 -6.51
CA GLY B 293 12.13 6.99 -6.33
C GLY B 293 12.79 5.74 -5.77
N VAL B 294 14.03 5.51 -6.18
CA VAL B 294 14.80 4.36 -5.74
C VAL B 294 15.79 4.74 -4.65
N ALA B 295 15.60 4.15 -3.46
CA ALA B 295 16.46 4.42 -2.32
C ALA B 295 17.76 3.63 -2.40
N ALA B 296 18.81 4.15 -1.76
CA ALA B 296 20.10 3.47 -1.76
C ALA B 296 19.96 2.17 -0.99
N SER B 297 20.50 1.08 -1.55
CA SER B 297 20.41 -0.24 -0.92
C SER B 297 20.66 -0.21 0.59
N GLY B 298 19.89 -0.99 1.33
CA GLY B 298 20.04 -1.02 2.77
C GLY B 298 19.01 -0.16 3.46
N GLU B 299 18.79 1.04 2.91
CA GLU B 299 17.82 1.99 3.46
C GLU B 299 16.42 1.40 3.45
N GLU B 300 15.64 1.69 4.48
CA GLU B 300 14.29 1.17 4.51
C GLU B 300 13.28 2.20 5.01
N ILE B 301 12.03 2.04 4.58
CA ILE B 301 10.95 2.95 4.96
C ILE B 301 10.30 2.50 6.26
N ALA B 302 9.57 3.40 6.90
CA ALA B 302 8.91 3.10 8.17
C ALA B 302 7.79 4.06 8.52
N THR B 303 6.91 3.64 9.41
CA THR B 303 5.79 4.45 9.87
C THR B 303 4.99 3.61 10.86
N ARG B 304 4.02 4.23 11.50
CA ARG B 304 3.19 3.51 12.47
C ARG B 304 2.01 2.88 11.73
N PRO B 305 1.79 1.57 11.94
CA PRO B 305 0.70 0.83 11.31
C PRO B 305 -0.64 1.54 11.45
N PHE B 306 -0.73 2.45 12.42
CA PHE B 306 -1.93 3.23 12.65
C PHE B 306 -2.25 4.03 11.37
N GLN B 307 -1.19 4.37 10.64
CA GLN B 307 -1.32 5.12 9.39
C GLN B 307 -2.05 4.31 8.31
N LEU B 308 -1.78 3.01 8.23
CA LEU B 308 -2.44 2.16 7.24
C LEU B 308 -3.81 1.75 7.77
N VAL B 309 -3.88 1.50 9.07
CA VAL B 309 -5.13 1.10 9.68
C VAL B 309 -6.16 2.21 9.51
N THR B 310 -5.71 3.45 9.63
CA THR B 310 -6.63 4.56 9.48
C THR B 310 -6.95 4.92 8.04
N GLY B 311 -6.73 3.97 7.12
CA GLY B 311 -7.10 4.21 5.73
C GLY B 311 -6.11 4.52 4.64
N ARG B 312 -4.85 4.79 4.99
CA ARG B 312 -3.83 5.12 3.99
C ARG B 312 -3.22 3.87 3.32
N THR B 313 -2.85 4.00 2.04
CA THR B 313 -2.27 2.89 1.28
C THR B 313 -0.86 3.20 0.77
N TRP B 314 0.06 2.26 0.94
CA TRP B 314 1.41 2.49 0.46
C TRP B 314 1.64 1.69 -0.80
N LYS B 315 2.02 2.37 -1.87
CA LYS B 315 2.27 1.73 -3.15
C LYS B 315 3.64 2.08 -3.72
N GLY B 316 3.97 1.46 -4.85
CA GLY B 316 5.22 1.72 -5.52
C GLY B 316 5.03 1.51 -7.01
N THR B 317 6.02 1.88 -7.82
CA THR B 317 5.88 1.68 -9.25
C THR B 317 7.20 1.45 -9.94
N ALA B 318 7.14 0.72 -11.04
CA ALA B 318 8.31 0.40 -11.84
C ALA B 318 7.98 0.80 -13.27
N PHE B 319 8.78 1.70 -13.82
CA PHE B 319 8.57 2.20 -15.18
C PHE B 319 7.09 2.57 -15.38
N GLY B 320 6.52 3.27 -14.40
CA GLY B 320 5.14 3.69 -14.50
C GLY B 320 4.17 2.55 -14.72
N GLY B 321 4.58 1.33 -14.38
CA GLY B 321 3.72 0.17 -14.54
C GLY B 321 3.28 -0.15 -15.97
N TRP B 322 4.03 0.34 -16.95
CA TRP B 322 3.69 0.09 -18.35
C TRP B 322 4.23 -1.24 -18.87
N LYS B 323 3.42 -1.95 -19.65
CA LYS B 323 3.90 -3.17 -20.27
C LYS B 323 4.62 -2.56 -21.48
N SER B 324 5.93 -2.49 -21.35
CA SER B 324 6.82 -1.87 -22.32
C SER B 324 6.57 -1.96 -23.82
N VAL B 325 6.54 -3.17 -24.36
CA VAL B 325 6.35 -3.34 -25.80
C VAL B 325 5.00 -2.81 -26.32
N GLU B 326 3.95 -3.03 -25.55
CA GLU B 326 2.60 -2.56 -25.89
C GLU B 326 2.49 -1.04 -25.74
N SER B 327 2.89 -0.58 -24.57
CA SER B 327 2.80 0.81 -24.13
C SER B 327 3.64 1.88 -24.81
N VAL B 328 4.94 1.69 -24.88
CA VAL B 328 5.80 2.71 -25.47
C VAL B 328 5.37 3.21 -26.83
N PRO B 329 4.93 2.32 -27.75
CA PRO B 329 4.52 2.85 -29.05
C PRO B 329 3.33 3.79 -28.87
N LYS B 330 2.44 3.43 -27.94
CA LYS B 330 1.26 4.25 -27.66
C LYS B 330 1.67 5.57 -27.05
N LEU B 331 2.64 5.52 -26.13
CA LEU B 331 3.12 6.73 -25.49
C LEU B 331 3.70 7.68 -26.52
N VAL B 332 4.34 7.13 -27.54
CA VAL B 332 4.92 7.94 -28.59
C VAL B 332 3.78 8.63 -29.36
N SER B 333 2.70 7.89 -29.59
CA SER B 333 1.56 8.43 -30.30
C SER B 333 0.89 9.55 -29.52
N GLU B 334 0.83 9.40 -28.19
CA GLU B 334 0.22 10.44 -27.38
C GLU B 334 1.09 11.69 -27.49
N TYR B 335 2.38 11.48 -27.69
CA TYR B 335 3.33 12.58 -27.84
C TYR B 335 3.07 13.26 -29.19
N MET B 336 2.90 12.44 -30.22
CA MET B 336 2.65 12.97 -31.56
C MET B 336 1.33 13.70 -31.59
N SER B 337 0.37 13.25 -30.78
CA SER B 337 -0.94 13.86 -30.72
C SER B 337 -0.97 15.08 -29.81
N LYS B 338 0.17 15.39 -29.21
CA LYS B 338 0.26 16.51 -28.28
C LYS B 338 -0.51 16.21 -27.00
N LYS B 339 -0.83 14.95 -26.76
CA LYS B 339 -1.54 14.60 -25.53
C LYS B 339 -0.57 14.69 -24.35
N ILE B 340 0.70 14.38 -24.59
CA ILE B 340 1.71 14.45 -23.55
C ILE B 340 2.91 15.26 -24.05
N LYS B 341 3.74 15.71 -23.13
CA LYS B 341 4.93 16.50 -23.44
C LYS B 341 6.20 15.67 -23.36
N VAL B 342 7.18 16.04 -24.20
CA VAL B 342 8.48 15.39 -24.23
C VAL B 342 9.56 16.44 -24.42
N ASP B 343 9.48 17.22 -25.49
CA ASP B 343 10.46 18.27 -25.78
C ASP B 343 10.76 19.12 -24.55
N GLU B 344 9.72 19.42 -23.78
CA GLU B 344 9.85 20.24 -22.57
C GLU B 344 10.78 19.68 -21.49
N PHE B 345 11.10 18.39 -21.57
CA PHE B 345 11.97 17.74 -20.60
C PHE B 345 13.44 17.90 -20.97
N VAL B 346 13.71 18.30 -22.22
CA VAL B 346 15.08 18.46 -22.66
C VAL B 346 15.63 19.82 -22.25
N THR B 347 16.62 19.82 -21.36
CA THR B 347 17.21 21.07 -20.90
C THR B 347 18.59 21.30 -21.50
N HIS B 348 19.20 20.25 -22.05
CA HIS B 348 20.52 20.36 -22.64
C HIS B 348 20.75 19.36 -23.75
N ASN B 349 21.51 19.76 -24.77
CA ASN B 349 21.83 18.89 -25.90
C ASN B 349 23.34 18.84 -26.08
N LEU B 350 23.88 17.63 -26.21
CA LEU B 350 25.33 17.46 -26.37
C LEU B 350 25.73 16.44 -27.42
N SER B 351 26.94 16.58 -27.95
CA SER B 351 27.45 15.64 -28.93
C SER B 351 28.00 14.43 -28.16
N PHE B 352 28.26 13.34 -28.86
CA PHE B 352 28.74 12.12 -28.21
C PHE B 352 30.03 12.30 -27.40
N ASP B 353 30.96 13.10 -27.90
CA ASP B 353 32.22 13.30 -27.19
C ASP B 353 32.08 14.05 -25.88
N GLU B 354 31.09 14.94 -25.80
CA GLU B 354 30.88 15.71 -24.59
C GLU B 354 30.00 14.92 -23.62
N ILE B 355 29.79 13.64 -23.90
CA ILE B 355 28.92 12.83 -23.07
C ILE B 355 29.16 12.95 -21.55
N ASN B 356 30.41 13.13 -21.14
CA ASN B 356 30.69 13.24 -19.71
C ASN B 356 30.08 14.47 -19.06
N LYS B 357 29.86 15.52 -19.86
CA LYS B 357 29.29 16.74 -19.33
C LYS B 357 27.85 16.50 -18.87
N ALA B 358 27.21 15.48 -19.44
CA ALA B 358 25.84 15.14 -19.05
C ALA B 358 25.80 14.85 -17.55
N PHE B 359 26.76 14.05 -17.08
CA PHE B 359 26.84 13.70 -15.68
C PHE B 359 27.09 14.93 -14.84
N GLU B 360 27.95 15.82 -15.33
CA GLU B 360 28.25 17.05 -14.63
C GLU B 360 27.02 17.95 -14.47
N LEU B 361 26.22 18.08 -15.52
CA LEU B 361 25.03 18.93 -15.45
C LEU B 361 24.03 18.38 -14.44
N MET B 362 24.02 17.05 -14.34
CA MET B 362 23.14 16.34 -13.45
C MET B 362 23.43 16.66 -11.98
N HIS B 363 24.71 16.70 -11.64
CA HIS B 363 25.12 17.00 -10.27
C HIS B 363 24.92 18.47 -9.94
N SER B 364 24.93 19.30 -10.99
CA SER B 364 24.75 20.74 -10.83
C SER B 364 23.32 21.04 -10.43
N GLY B 365 22.44 20.08 -10.71
CA GLY B 365 21.04 20.28 -10.38
C GLY B 365 20.45 21.24 -11.39
N LYS B 366 21.27 21.63 -12.37
CA LYS B 366 20.82 22.56 -13.40
C LYS B 366 20.31 21.74 -14.57
N SER B 367 19.67 20.61 -14.30
CA SER B 367 19.23 19.78 -15.40
C SER B 367 18.05 18.85 -15.12
N ILE B 368 17.25 18.63 -16.16
CA ILE B 368 16.11 17.71 -16.07
C ILE B 368 16.58 16.49 -16.87
N ARG B 369 16.84 16.70 -18.16
CA ARG B 369 17.34 15.66 -19.05
C ARG B 369 18.24 16.24 -20.13
N THR B 370 19.37 15.57 -20.37
CA THR B 370 20.31 15.99 -21.38
C THR B 370 20.31 14.94 -22.48
N VAL B 371 20.01 15.36 -23.71
CA VAL B 371 20.00 14.43 -24.83
C VAL B 371 21.33 14.51 -25.57
N VAL B 372 21.96 13.35 -25.72
CA VAL B 372 23.24 13.22 -26.40
C VAL B 372 23.04 12.71 -27.81
N LYS B 373 23.38 13.53 -28.79
CA LYS B 373 23.26 13.13 -30.17
C LYS B 373 24.46 12.24 -30.48
N ILE B 374 24.21 11.00 -30.90
CA ILE B 374 25.30 10.11 -31.23
C ILE B 374 26.04 10.60 -32.48
ZN ZN C . -19.62 10.88 9.53
ZN ZN D . -12.14 -5.36 18.63
K K E . -8.42 -6.43 -5.30
P PO4 F . -6.10 -0.97 -5.15
O1 PO4 F . -5.53 -2.31 -4.89
O2 PO4 F . -5.91 -0.63 -6.59
O3 PO4 F . -7.55 -0.98 -4.83
O4 PO4 F . -5.42 0.04 -4.31
P PO4 G . -40.17 -1.59 14.20
O1 PO4 G . -41.62 -1.63 14.50
O2 PO4 G . -39.87 -0.38 13.39
O3 PO4 G . -39.41 -1.53 15.46
O4 PO4 G . -39.78 -2.80 13.44
PA NAD H . -6.69 -13.24 19.21
O1A NAD H . -6.08 -13.50 20.54
O2A NAD H . -7.74 -14.26 18.96
O5B NAD H . -5.59 -13.26 18.02
C5B NAD H . -4.22 -13.70 18.31
C4B NAD H . -3.91 -14.96 17.50
O4B NAD H . -2.71 -14.74 16.76
C3B NAD H . -3.69 -16.17 18.44
O3B NAD H . -3.92 -17.38 17.71
C2B NAD H . -2.19 -15.96 18.65
O2B NAD H . -1.58 -17.17 19.13
C1B NAD H . -1.77 -15.71 17.19
N9A NAD H . -0.42 -15.17 17.15
C8A NAD H . 0.18 -14.34 18.08
N7A NAD H . 1.50 -14.07 17.79
C5A NAD H . 1.71 -14.77 16.62
C6A NAD H . 2.86 -14.86 15.86
N6A NAD H . 4.02 -14.26 16.24
N1A NAD H . 2.80 -15.63 14.70
C2A NAD H . 1.62 -16.28 14.33
N3A NAD H . 0.46 -16.20 15.09
C4A NAD H . 0.57 -15.42 16.24
O3 NAD H . -7.30 -11.74 19.14
PN NAD H . -8.39 -11.18 18.08
O1N NAD H . -9.65 -10.81 18.80
O2N NAD H . -8.66 -12.14 16.98
O5D NAD H . -7.65 -9.89 17.46
C5D NAD H . -6.43 -10.01 16.65
C4D NAD H . -5.66 -8.71 16.33
O4D NAD H . -6.46 -7.83 15.51
C3D NAD H . -5.39 -7.90 17.61
O3D NAD H . -4.29 -7.03 17.37
C2D NAD H . -6.71 -7.09 17.67
O2D NAD H . -6.56 -5.96 18.55
C1D NAD H . -6.76 -6.60 16.22
N1N NAD H . -8.10 -6.12 15.79
C2N NAD H . -8.19 -5.12 14.92
C3N NAD H . -9.41 -4.75 14.46
C7N NAD H . -9.54 -3.75 13.54
O7N NAD H . -10.63 -3.17 13.39
N7N NAD H . -8.50 -3.38 12.81
C4N NAD H . -10.52 -5.39 14.88
C5N NAD H . -10.48 -6.39 15.76
C6N NAD H . -9.20 -6.75 16.20
N1 AHE I . -5.56 3.69 19.81
CA1 AHE I . -4.67 3.06 18.83
CB1 AHE I . -5.50 2.68 17.60
CG1 AHE I . -6.32 1.41 17.89
CD1 AHE I . -7.11 1.01 16.68
OE1 AHE I . -6.54 0.87 15.60
N2 AHE I . -8.46 0.83 16.77
CA2 AHE I . -9.24 0.35 15.61
CB2 AHE I . -10.31 -0.67 16.10
SG2 AHE I . -9.50 -2.14 16.76
CD2 AHE I . -10.93 -3.21 17.01
OE2 AHE I . -10.90 -3.72 18.35
C2 AHE I . -9.90 1.55 14.96
O2 AHE I . -11.11 1.74 15.06
N3 AHE I . -9.12 2.43 14.28
CA3 AHE I . -9.62 3.73 13.84
C3 AHE I . -9.25 4.80 14.84
O31 AHE I . -8.63 4.50 15.85
O32 AHE I . -9.61 6.07 14.62
C1 AHE I . -3.58 4.04 18.42
O11 AHE I . -3.76 5.22 18.54
O12 AHE I . -2.42 3.58 17.93
ZN ZN J . 7.55 -11.88 -19.60
ZN ZN K . 16.87 6.80 -16.45
P PO4 L . 7.02 -0.42 -42.03
O1 PO4 L . 8.32 -0.08 -42.64
O2 PO4 L . 6.53 -1.71 -42.60
O3 PO4 L . 7.17 -0.56 -40.57
O4 PO4 L . 6.03 0.65 -42.32
PA NAD M . 16.28 14.21 -10.03
O1A NAD M . 17.41 14.19 -9.07
O2A NAD M . 16.63 15.10 -11.17
O5B NAD M . 14.88 14.65 -9.26
C5B NAD M . 14.84 14.74 -7.80
C4B NAD M . 14.49 16.10 -7.18
O4B NAD M . 14.25 15.91 -5.79
C3B NAD M . 15.66 17.11 -7.38
O3B NAD M . 15.15 18.33 -7.95
C2B NAD M . 16.02 17.35 -5.90
O2B NAD M . 16.42 18.71 -5.71
C1B NAD M . 14.70 17.09 -5.16
N9A NAD M . 14.88 16.79 -3.74
C8A NAD M . 15.98 16.21 -3.10
N7A NAD M . 15.77 16.08 -1.72
C5A NAD M . 14.50 16.60 -1.52
C6A NAD M . 13.74 16.68 -0.36
N6A NAD M . 14.20 16.31 0.85
N1A NAD M . 12.44 17.19 -0.46
C2A NAD M . 11.93 17.61 -1.68
N3A NAD M . 12.70 17.54 -2.84
C4A NAD M . 13.98 17.02 -2.71
O3 NAD M . 16.02 12.73 -10.60
PN NAD M . 14.88 12.13 -11.55
O1N NAD M . 15.44 11.92 -12.90
O2N NAD M . 13.60 12.91 -11.62
O5D NAD M . 14.68 10.73 -10.73
C5D NAD M . 14.07 10.70 -9.39
C4D NAD M . 13.90 9.34 -8.70
O4D NAD M . 13.17 8.42 -9.55
C3D NAD M . 15.27 8.67 -8.48
O3D NAD M . 15.19 7.81 -7.33
C2D NAD M . 15.31 7.81 -9.77
O2D NAD M . 16.32 6.80 -9.66
C1D NAD M . 13.90 7.18 -9.65
N1N NAD M . 13.41 6.42 -10.84
C2N NAD M . 12.56 5.42 -10.68
C3N NAD M . 12.05 4.76 -11.74
C7N NAD M . 11.17 3.75 -11.60
O7N NAD M . 10.93 2.97 -12.56
N7N NAD M . 10.54 3.53 -10.44
C4N NAD M . 12.43 5.11 -12.98
C5N NAD M . 13.29 6.10 -13.19
C6N NAD M . 13.78 6.76 -12.07
#